data_7NPQ
# 
_entry.id   7NPQ 
# 
_audit_conform.dict_name       mmcif_pdbx.dic 
_audit_conform.dict_version    5.398 
_audit_conform.dict_location   http://mmcif.pdb.org/dictionaries/ascii/mmcif_pdbx.dic 
# 
loop_
_database_2.database_id 
_database_2.database_code 
_database_2.pdbx_database_accession 
_database_2.pdbx_DOI 
PDB   7NPQ         pdb_00007npq 10.2210/pdb7npq/pdb 
WWPDB D_1292113255 ?            ?                   
# 
loop_
_pdbx_audit_revision_history.ordinal 
_pdbx_audit_revision_history.data_content_type 
_pdbx_audit_revision_history.major_revision 
_pdbx_audit_revision_history.minor_revision 
_pdbx_audit_revision_history.revision_date 
1 'Structure model' 1 0 2022-02-16 
2 'Structure model' 1 1 2022-03-23 
3 'Structure model' 1 2 2024-01-31 
4 'Structure model' 1 3 2024-11-06 
# 
_pdbx_audit_revision_details.ordinal             1 
_pdbx_audit_revision_details.revision_ordinal    1 
_pdbx_audit_revision_details.data_content_type   'Structure model' 
_pdbx_audit_revision_details.provider            repository 
_pdbx_audit_revision_details.type                'Initial release' 
_pdbx_audit_revision_details.description         ? 
_pdbx_audit_revision_details.details             ? 
# 
loop_
_pdbx_audit_revision_group.ordinal 
_pdbx_audit_revision_group.revision_ordinal 
_pdbx_audit_revision_group.data_content_type 
_pdbx_audit_revision_group.group 
1 2 'Structure model' 'Database references'    
2 3 'Structure model' 'Data collection'        
3 3 'Structure model' 'Refinement description' 
4 4 'Structure model' 'Structure summary'      
# 
loop_
_pdbx_audit_revision_category.ordinal 
_pdbx_audit_revision_category.revision_ordinal 
_pdbx_audit_revision_category.data_content_type 
_pdbx_audit_revision_category.category 
1 2 'Structure model' citation                      
2 2 'Structure model' citation_author               
3 3 'Structure model' chem_comp_atom                
4 3 'Structure model' chem_comp_bond                
5 3 'Structure model' pdbx_initial_refinement_model 
6 4 'Structure model' pdbx_entry_details            
7 4 'Structure model' pdbx_modification_feature     
# 
loop_
_pdbx_audit_revision_item.ordinal 
_pdbx_audit_revision_item.revision_ordinal 
_pdbx_audit_revision_item.data_content_type 
_pdbx_audit_revision_item.item 
1 2 'Structure model' '_citation.journal_volume'          
2 2 'Structure model' '_citation.page_first'              
3 2 'Structure model' '_citation.page_last'               
4 2 'Structure model' '_citation_author.identifier_ORCID' 
# 
_pdbx_database_status.status_code                     REL 
_pdbx_database_status.status_code_sf                  REL 
_pdbx_database_status.status_code_mr                  ? 
_pdbx_database_status.entry_id                        7NPQ 
_pdbx_database_status.recvd_initial_deposition_date   2021-02-28 
_pdbx_database_status.SG_entry                        N 
_pdbx_database_status.deposit_site                    PDBE 
_pdbx_database_status.process_site                    PDBE 
_pdbx_database_status.status_code_cs                  ? 
_pdbx_database_status.status_code_nmr_data            ? 
_pdbx_database_status.methods_development_category    ? 
_pdbx_database_status.pdb_format_compatible           Y 
# 
loop_
_audit_author.name 
_audit_author.pdbx_ordinal 
_audit_author.identifier_ORCID 
'Landau, M.'    1 0000-0002-1743-3430 
'Engelberg, Y.' 2 ?                   
# 
_citation.abstract                  ? 
_citation.abstract_id_CAS           ? 
_citation.book_id_ISBN              ? 
_citation.book_publisher            ? 
_citation.book_publisher_city       ? 
_citation.book_title                ? 
_citation.coordinate_linkage        ? 
_citation.country                   US 
_citation.database_id_Medline       ? 
_citation.details                   ? 
_citation.id                        primary 
_citation.journal_abbrev            Biomacromolecules 
_citation.journal_id_ASTM           ? 
_citation.journal_id_CSD            ? 
_citation.journal_id_ISSN           1526-4602 
_citation.journal_full              ? 
_citation.journal_issue             ? 
_citation.journal_volume            23 
_citation.language                  ? 
_citation.page_first                926 
_citation.page_last                 936 
_citation.title                     'Rare by Natural Selection: Disulfide-Bonded Supramolecular Antimicrobial Peptides.' 
_citation.year                      2022 
_citation.database_id_CSD           ? 
_citation.pdbx_database_id_DOI      10.1021/acs.biomac.1c01353 
_citation.pdbx_database_id_PubMed   35061360 
_citation.pdbx_database_id_patent   ? 
_citation.unpublished_flag          ? 
# 
loop_
_citation_author.citation_id 
_citation_author.name 
_citation_author.ordinal 
_citation_author.identifier_ORCID 
primary 'Engelberg, Y.'      1 ? 
primary 'Ragonis-Bachar, P.' 2 ? 
primary 'Landau, M.'         3 ? 
# 
loop_
_entity.id 
_entity.type 
_entity.src_method 
_entity.pdbx_description 
_entity.formula_weight 
_entity.pdbx_number_of_molecules 
_entity.pdbx_ec 
_entity.pdbx_mutation 
_entity.pdbx_fragment 
_entity.details 
1 polymer syn 'Cathelicidin antimicrobial peptide' 1714.109 2  ? ? 
'Antimicrobial core segment of human LL37 (residues 17-29) I8C mutant' ? 
2 water   nat water                                18.015   16 ? ? ? ? 
# 
_entity_name_com.entity_id   1 
_entity_name_com.name        '18 kDa cationic antimicrobial protein,CAP-18,hCAP-18' 
# 
_entity_poly.entity_id                      1 
_entity_poly.type                           'polypeptide(L)' 
_entity_poly.nstd_linkage                   no 
_entity_poly.nstd_monomer                   no 
_entity_poly.pdbx_seq_one_letter_code       FKRIVQRCKDFLR 
_entity_poly.pdbx_seq_one_letter_code_can   FKRIVQRCKDFLR 
_entity_poly.pdbx_strand_id                 A,B 
_entity_poly.pdbx_target_identifier         ? 
# 
_pdbx_entity_nonpoly.entity_id   2 
_pdbx_entity_nonpoly.name        water 
_pdbx_entity_nonpoly.comp_id     HOH 
# 
loop_
_entity_poly_seq.entity_id 
_entity_poly_seq.num 
_entity_poly_seq.mon_id 
_entity_poly_seq.hetero 
1 1  PHE n 
1 2  LYS n 
1 3  ARG n 
1 4  ILE n 
1 5  VAL n 
1 6  GLN n 
1 7  ARG n 
1 8  CYS n 
1 9  LYS n 
1 10 ASP n 
1 11 PHE n 
1 12 LEU n 
1 13 ARG n 
# 
_pdbx_entity_src_syn.entity_id              1 
_pdbx_entity_src_syn.pdbx_src_id            1 
_pdbx_entity_src_syn.pdbx_alt_source_flag   sample 
_pdbx_entity_src_syn.pdbx_beg_seq_num       1 
_pdbx_entity_src_syn.pdbx_end_seq_num       13 
_pdbx_entity_src_syn.organism_scientific    'Homo sapiens' 
_pdbx_entity_src_syn.organism_common_name   Human 
_pdbx_entity_src_syn.ncbi_taxonomy_id       9606 
_pdbx_entity_src_syn.details                'Human LL-37(17-29) I24C mutant, synthesized' 
# 
loop_
_chem_comp.id 
_chem_comp.type 
_chem_comp.mon_nstd_flag 
_chem_comp.name 
_chem_comp.pdbx_synonyms 
_chem_comp.formula 
_chem_comp.formula_weight 
ARG 'L-peptide linking' y ARGININE        ? 'C6 H15 N4 O2 1' 175.209 
ASP 'L-peptide linking' y 'ASPARTIC ACID' ? 'C4 H7 N O4'     133.103 
CYS 'L-peptide linking' y CYSTEINE        ? 'C3 H7 N O2 S'   121.158 
GLN 'L-peptide linking' y GLUTAMINE       ? 'C5 H10 N2 O3'   146.144 
HOH non-polymer         . WATER           ? 'H2 O'           18.015  
ILE 'L-peptide linking' y ISOLEUCINE      ? 'C6 H13 N O2'    131.173 
LEU 'L-peptide linking' y LEUCINE         ? 'C6 H13 N O2'    131.173 
LYS 'L-peptide linking' y LYSINE          ? 'C6 H15 N2 O2 1' 147.195 
PHE 'L-peptide linking' y PHENYLALANINE   ? 'C9 H11 N O2'    165.189 
VAL 'L-peptide linking' y VALINE          ? 'C5 H11 N O2'    117.146 
# 
loop_
_pdbx_poly_seq_scheme.asym_id 
_pdbx_poly_seq_scheme.entity_id 
_pdbx_poly_seq_scheme.seq_id 
_pdbx_poly_seq_scheme.mon_id 
_pdbx_poly_seq_scheme.ndb_seq_num 
_pdbx_poly_seq_scheme.pdb_seq_num 
_pdbx_poly_seq_scheme.auth_seq_num 
_pdbx_poly_seq_scheme.pdb_mon_id 
_pdbx_poly_seq_scheme.auth_mon_id 
_pdbx_poly_seq_scheme.pdb_strand_id 
_pdbx_poly_seq_scheme.pdb_ins_code 
_pdbx_poly_seq_scheme.hetero 
A 1 1  PHE 1  17 17 PHE PHE A . n 
A 1 2  LYS 2  18 18 LYS LYS A . n 
A 1 3  ARG 3  19 19 ARG ARG A . n 
A 1 4  ILE 4  20 20 ILE ILE A . n 
A 1 5  VAL 5  21 21 VAL VAL A . n 
A 1 6  GLN 6  22 22 GLN GLN A . n 
A 1 7  ARG 7  23 23 ARG ARG A . n 
A 1 8  CYS 8  24 24 CYS CYS A . n 
A 1 9  LYS 9  25 25 LYS LYS A . n 
A 1 10 ASP 10 26 26 ASP ASP A . n 
A 1 11 PHE 11 27 27 PHE PHE A . n 
A 1 12 LEU 12 28 28 LEU LEU A . n 
A 1 13 ARG 13 29 29 ARG ARG A . n 
B 1 1  PHE 1  17 17 PHE PHE B . n 
B 1 2  LYS 2  18 18 LYS LYS B . n 
B 1 3  ARG 3  19 19 ARG ARG B . n 
B 1 4  ILE 4  20 20 ILE ILE B . n 
B 1 5  VAL 5  21 21 VAL VAL B . n 
B 1 6  GLN 6  22 22 GLN GLN B . n 
B 1 7  ARG 7  23 23 ARG ARG B . n 
B 1 8  CYS 8  24 24 CYS CYS B . n 
B 1 9  LYS 9  25 25 LYS LYS B . n 
B 1 10 ASP 10 26 26 ASP ASP B . n 
B 1 11 PHE 11 27 27 PHE PHE B . n 
B 1 12 LEU 12 28 28 LEU LEU B . n 
B 1 13 ARG 13 29 29 ARG ARG B . n 
# 
loop_
_pdbx_nonpoly_scheme.asym_id 
_pdbx_nonpoly_scheme.entity_id 
_pdbx_nonpoly_scheme.mon_id 
_pdbx_nonpoly_scheme.ndb_seq_num 
_pdbx_nonpoly_scheme.pdb_seq_num 
_pdbx_nonpoly_scheme.auth_seq_num 
_pdbx_nonpoly_scheme.pdb_mon_id 
_pdbx_nonpoly_scheme.auth_mon_id 
_pdbx_nonpoly_scheme.pdb_strand_id 
_pdbx_nonpoly_scheme.pdb_ins_code 
C 2 HOH 1  101 3  HOH HOH A . 
C 2 HOH 2  102 15 HOH HOH A . 
C 2 HOH 3  103 14 HOH HOH A . 
C 2 HOH 4  104 5  HOH HOH A . 
C 2 HOH 5  105 16 HOH HOH A . 
C 2 HOH 6  106 17 HOH HOH A . 
D 2 HOH 1  101 2  HOH HOH B . 
D 2 HOH 2  102 11 HOH HOH B . 
D 2 HOH 3  103 6  HOH HOH B . 
D 2 HOH 4  104 4  HOH HOH B . 
D 2 HOH 5  105 8  HOH HOH B . 
D 2 HOH 6  106 7  HOH HOH B . 
D 2 HOH 7  107 9  HOH HOH B . 
D 2 HOH 8  108 12 HOH HOH B . 
D 2 HOH 9  109 10 HOH HOH B . 
D 2 HOH 10 110 13 HOH HOH B . 
# 
loop_
_software.citation_id 
_software.classification 
_software.compiler_name 
_software.compiler_version 
_software.contact_author 
_software.contact_author_email 
_software.date 
_software.description 
_software.dependencies 
_software.hardware 
_software.language 
_software.location 
_software.mods 
_software.name 
_software.os 
_software.os_version 
_software.type 
_software.version 
_software.pdbx_ordinal 
? refinement        ? ? ?                 ?                                       ?              ? ? ? ?   ? ? REFMAC      ? ? ? 
5.8.0267 1 
? 'data reduction'  ? ? 'Wolfgang Kabsch' Wolfgang.Kabsch@mpimf-heidelberg.mpg.de ?              ? ? ? ?   
http://www.mpimf-heidelberg.mpg.de/~kabsch/xds/                             ? XDS         ? ? package .        2 
? 'data scaling'    ? ? 'Wolfgang Kabsch' ?                                       ?              ? ? ? ?   
http://www.mpimf-heidelberg.mpg.de/~kabsch/xds/html_doc/xscale_program.html ? XSCALE      ? ? package .        3 
? phasing           ? ? 'Randy J. Read'   cimr-phaser@lists.cam.ac.uk             ?              ? ? ? ?   
http://www-structmed.cimr.cam.ac.uk/phaser/                                 ? PHASER      ? ? program .        4 
? 'data extraction' ? ? PDB               deposit@deposit.rcsb.org                'Apr. 1, 2019' ? ? ? C++ 
http://sw-tools.pdb.org/apps/PDB_EXTRACT/                                   ? PDB_EXTRACT ? ? package 3.25     5 
# 
_cell.angle_alpha                  90.000 
_cell.angle_alpha_esd              ? 
_cell.angle_beta                   90.000 
_cell.angle_beta_esd               ? 
_cell.angle_gamma                  90.000 
_cell.angle_gamma_esd              ? 
_cell.entry_id                     7NPQ 
_cell.details                      ? 
_cell.formula_units_Z              ? 
_cell.length_a                     34.920 
_cell.length_a_esd                 ? 
_cell.length_b                     34.920 
_cell.length_b_esd                 ? 
_cell.length_c                     44.570 
_cell.length_c_esd                 ? 
_cell.volume                       ? 
_cell.volume_esd                   ? 
_cell.Z_PDB                        16 
_cell.reciprocal_angle_alpha       ? 
_cell.reciprocal_angle_beta        ? 
_cell.reciprocal_angle_gamma       ? 
_cell.reciprocal_angle_alpha_esd   ? 
_cell.reciprocal_angle_beta_esd    ? 
_cell.reciprocal_angle_gamma_esd   ? 
_cell.reciprocal_length_a          ? 
_cell.reciprocal_length_b          ? 
_cell.reciprocal_length_c          ? 
_cell.reciprocal_length_a_esd      ? 
_cell.reciprocal_length_b_esd      ? 
_cell.reciprocal_length_c_esd      ? 
_cell.pdbx_unique_axis             ? 
# 
_symmetry.entry_id                         7NPQ 
_symmetry.cell_setting                     ? 
_symmetry.Int_Tables_number                92 
_symmetry.space_group_name_Hall            ? 
_symmetry.space_group_name_H-M             'P 41 21 2' 
_symmetry.pdbx_full_space_group_name_H-M   ? 
# 
_exptl.absorpt_coefficient_mu     ? 
_exptl.absorpt_correction_T_max   ? 
_exptl.absorpt_correction_T_min   ? 
_exptl.absorpt_correction_type    ? 
_exptl.absorpt_process_details    ? 
_exptl.entry_id                   7NPQ 
_exptl.crystals_number            1 
_exptl.details                    ? 
_exptl.method                     'X-RAY DIFFRACTION' 
_exptl.method_details             ? 
# 
_exptl_crystal.colour                      ? 
_exptl_crystal.density_diffrn              ? 
_exptl_crystal.density_Matthews            1.98 
_exptl_crystal.density_method              ? 
_exptl_crystal.density_percent_sol         37.93 
_exptl_crystal.description                 ? 
_exptl_crystal.F_000                       ? 
_exptl_crystal.id                          1 
_exptl_crystal.preparation                 ? 
_exptl_crystal.size_max                    ? 
_exptl_crystal.size_mid                    ? 
_exptl_crystal.size_min                    ? 
_exptl_crystal.size_rad                    ? 
_exptl_crystal.colour_lustre               ? 
_exptl_crystal.colour_modifier             ? 
_exptl_crystal.colour_primary              ? 
_exptl_crystal.density_meas                ? 
_exptl_crystal.density_meas_esd            ? 
_exptl_crystal.density_meas_gt             ? 
_exptl_crystal.density_meas_lt             ? 
_exptl_crystal.density_meas_temp           ? 
_exptl_crystal.density_meas_temp_esd       ? 
_exptl_crystal.density_meas_temp_gt        ? 
_exptl_crystal.density_meas_temp_lt        ? 
_exptl_crystal.pdbx_crystal_image_url      ? 
_exptl_crystal.pdbx_crystal_image_format   ? 
_exptl_crystal.pdbx_mosaicity              ? 
_exptl_crystal.pdbx_mosaicity_esd          ? 
# 
_exptl_crystal_grow.apparatus       ? 
_exptl_crystal_grow.atmosphere      ? 
_exptl_crystal_grow.crystal_id      1 
_exptl_crystal_grow.details         ? 
_exptl_crystal_grow.method          'VAPOR DIFFUSION, HANGING DROP' 
_exptl_crystal_grow.method_ref      ? 
_exptl_crystal_grow.pH              ? 
_exptl_crystal_grow.pressure        ? 
_exptl_crystal_grow.pressure_esd    ? 
_exptl_crystal_grow.seeding         ? 
_exptl_crystal_grow.seeding_ref     ? 
_exptl_crystal_grow.temp            293 
_exptl_crystal_grow.temp_details    ? 
_exptl_crystal_grow.temp_esd        ? 
_exptl_crystal_grow.time            ? 
_exptl_crystal_grow.pdbx_details    
'The LL-37(17-29) I24C peptide was mixed with 0.1mM DTT in water: Reservoir contained 2.8 M sodium acetate trihydrate pH 7.0' 
_exptl_crystal_grow.pdbx_pH_range   ? 
# 
_diffrn.ambient_environment              ? 
_diffrn.ambient_temp                     100 
_diffrn.ambient_temp_details             ? 
_diffrn.ambient_temp_esd                 ? 
_diffrn.crystal_id                       1 
_diffrn.crystal_support                  ? 
_diffrn.crystal_treatment                ? 
_diffrn.details                          ? 
_diffrn.id                               1 
_diffrn.ambient_pressure                 ? 
_diffrn.ambient_pressure_esd             ? 
_diffrn.ambient_pressure_gt              ? 
_diffrn.ambient_pressure_lt              ? 
_diffrn.ambient_temp_gt                  ? 
_diffrn.ambient_temp_lt                  ? 
_diffrn.pdbx_serial_crystal_experiment   N 
# 
_diffrn_detector.details                      ? 
_diffrn_detector.detector                     PIXEL 
_diffrn_detector.diffrn_id                    1 
_diffrn_detector.type                         'DECTRIS EIGER X 16M' 
_diffrn_detector.area_resol_mean              ? 
_diffrn_detector.dtime                        ? 
_diffrn_detector.pdbx_frames_total            ? 
_diffrn_detector.pdbx_collection_time_total   ? 
_diffrn_detector.pdbx_collection_date         2019-12-17 
_diffrn_detector.pdbx_frequency               ? 
# 
_diffrn_radiation.collimation                      ? 
_diffrn_radiation.diffrn_id                        1 
_diffrn_radiation.filter_edge                      ? 
_diffrn_radiation.inhomogeneity                    ? 
_diffrn_radiation.monochromator                    ? 
_diffrn_radiation.polarisn_norm                    ? 
_diffrn_radiation.polarisn_ratio                   ? 
_diffrn_radiation.probe                            ? 
_diffrn_radiation.type                             ? 
_diffrn_radiation.xray_symbol                      ? 
_diffrn_radiation.wavelength_id                    1 
_diffrn_radiation.pdbx_monochromatic_or_laue_m_l   M 
_diffrn_radiation.pdbx_wavelength_list             ? 
_diffrn_radiation.pdbx_wavelength                  ? 
_diffrn_radiation.pdbx_diffrn_protocol             'SINGLE WAVELENGTH' 
_diffrn_radiation.pdbx_analyzer                    ? 
_diffrn_radiation.pdbx_scattering_type             x-ray 
# 
_diffrn_radiation_wavelength.id           1 
_diffrn_radiation_wavelength.wavelength   0.9763 
_diffrn_radiation_wavelength.wt           1.0 
# 
_diffrn_source.current                     ? 
_diffrn_source.details                     ? 
_diffrn_source.diffrn_id                   1 
_diffrn_source.power                       ? 
_diffrn_source.size                        ? 
_diffrn_source.source                      SYNCHROTRON 
_diffrn_source.target                      ? 
_diffrn_source.type                        'PETRA III, EMBL c/o DESY BEAMLINE P14 (MX2)' 
_diffrn_source.voltage                     ? 
_diffrn_source.take-off_angle              ? 
_diffrn_source.pdbx_wavelength_list        0.9763 
_diffrn_source.pdbx_wavelength             ? 
_diffrn_source.pdbx_synchrotron_beamline   'P14 (MX2)' 
_diffrn_source.pdbx_synchrotron_site       'PETRA III, EMBL c/o DESY' 
# 
_reflns.B_iso_Wilson_estimate            29.339 
_reflns.entry_id                         7NPQ 
_reflns.data_reduction_details           ? 
_reflns.data_reduction_method            ? 
_reflns.d_resolution_high                1.500 
_reflns.d_resolution_low                 27.490 
_reflns.details                          ? 
_reflns.limit_h_max                      ? 
_reflns.limit_h_min                      ? 
_reflns.limit_k_max                      ? 
_reflns.limit_k_min                      ? 
_reflns.limit_l_max                      ? 
_reflns.limit_l_min                      ? 
_reflns.number_all                       ? 
_reflns.number_obs                       4721 
_reflns.observed_criterion               ? 
_reflns.observed_criterion_F_max         ? 
_reflns.observed_criterion_F_min         ? 
_reflns.observed_criterion_I_max         ? 
_reflns.observed_criterion_I_min         ? 
_reflns.observed_criterion_sigma_F       ? 
_reflns.observed_criterion_sigma_I       ? 
_reflns.percent_possible_obs             99.000 
_reflns.R_free_details                   ? 
_reflns.Rmerge_F_all                     ? 
_reflns.Rmerge_F_obs                     ? 
_reflns.Friedel_coverage                 ? 
_reflns.number_gt                        ? 
_reflns.threshold_expression             ? 
_reflns.pdbx_redundancy                  7.571 
_reflns.pdbx_Rmerge_I_obs                0.052 
_reflns.pdbx_Rmerge_I_all                ? 
_reflns.pdbx_Rsym_value                  ? 
_reflns.pdbx_netI_over_av_sigmaI         ? 
_reflns.pdbx_netI_over_sigmaI            19.870 
_reflns.pdbx_res_netI_over_av_sigmaI_2   ? 
_reflns.pdbx_res_netI_over_sigmaI_2      ? 
_reflns.pdbx_chi_squared                 1.042 
_reflns.pdbx_scaling_rejects             ? 
_reflns.pdbx_d_res_high_opt              ? 
_reflns.pdbx_d_res_low_opt               ? 
_reflns.pdbx_d_res_opt_method            ? 
_reflns.phase_calculation_details        ? 
_reflns.pdbx_Rrim_I_all                  0.056 
_reflns.pdbx_Rpim_I_all                  ? 
_reflns.pdbx_d_opt                       ? 
_reflns.pdbx_number_measured_all         35742 
_reflns.pdbx_diffrn_id                   1 
_reflns.pdbx_ordinal                     1 
_reflns.pdbx_CC_half                     0.999 
_reflns.pdbx_CC_star                     ? 
_reflns.pdbx_R_split                     ? 
# 
loop_
_reflns_shell.d_res_high 
_reflns_shell.d_res_low 
_reflns_shell.meanI_over_sigI_all 
_reflns_shell.meanI_over_sigI_obs 
_reflns_shell.number_measured_all 
_reflns_shell.number_measured_obs 
_reflns_shell.number_possible 
_reflns_shell.number_unique_all 
_reflns_shell.number_unique_obs 
_reflns_shell.percent_possible_all 
_reflns_shell.percent_possible_obs 
_reflns_shell.Rmerge_F_all 
_reflns_shell.Rmerge_F_obs 
_reflns_shell.Rmerge_I_all 
_reflns_shell.Rmerge_I_obs 
_reflns_shell.meanI_over_sigI_gt 
_reflns_shell.meanI_over_uI_all 
_reflns_shell.meanI_over_uI_gt 
_reflns_shell.number_measured_gt 
_reflns_shell.number_unique_gt 
_reflns_shell.percent_possible_gt 
_reflns_shell.Rmerge_F_gt 
_reflns_shell.Rmerge_I_gt 
_reflns_shell.pdbx_redundancy 
_reflns_shell.pdbx_Rsym_value 
_reflns_shell.pdbx_chi_squared 
_reflns_shell.pdbx_netI_over_sigmaI_all 
_reflns_shell.pdbx_netI_over_sigmaI_obs 
_reflns_shell.pdbx_Rrim_I_all 
_reflns_shell.pdbx_Rpim_I_all 
_reflns_shell.pdbx_rejects 
_reflns_shell.pdbx_ordinal 
_reflns_shell.pdbx_diffrn_id 
_reflns_shell.pdbx_CC_half 
_reflns_shell.pdbx_CC_star 
_reflns_shell.pdbx_R_split 
1.500  1.550  ? 2.170  ? 1445 421  ? 383  91.000  ? ? ? ? 0.658 ? ? ? ? ? ? ? ? 3.773 ? ? ? ? 0.751 ? ? 1  1 0.699 ? ? 
1.550  1.600  ? 4.390  ? 2411 382  ? 381  99.700  ? ? ? ? 0.521 ? ? ? ? ? ? ? ? 6.328 ? ? ? ? 0.567 ? ? 2  1 0.880 ? ? 
1.600  1.700  ? 6.830  ? 5210 639  ? 639  100.000 ? ? ? ? 0.386 ? ? ? ? ? ? ? ? 8.153 ? ? ? ? 0.413 ? ? 3  1 0.953 ? ? 
1.700  1.800  ? 10.380 ? 4131 500  ? 500  100.000 ? ? ? ? 0.235 ? ? ? ? ? ? ? ? 8.262 ? ? ? ? 0.251 ? ? 4  1 0.989 ? ? 
1.800  2.100  ? 17.980 ? 8345 1003 ? 1003 100.000 ? ? ? ? 0.110 ? ? ? ? ? ? ? ? 8.320 ? ? ? ? 0.117 ? ? 5  1 0.997 ? ? 
2.100  2.500  ? 30.660 ? 5808 715  ? 714  99.900  ? ? ? ? 0.061 ? ? ? ? ? ? ? ? 8.134 ? ? ? ? 0.065 ? ? 6  1 0.996 ? ? 
2.500  3.000  ? 35.870 ? 3540 445  ? 445  100.000 ? ? ? ? 0.047 ? ? ? ? ? ? ? ? 7.955 ? ? ? ? 0.050 ? ? 7  1 0.998 ? ? 
3.000  4.500  ? 40.240 ? 3492 447  ? 447  100.000 ? ? ? ? 0.042 ? ? ? ? ? ? ? ? 7.812 ? ? ? ? 0.045 ? ? 8  1 0.999 ? ? 
4.500  10.000 ? 38.620 ? 1275 190  ? 187  98.400  ? ? ? ? 0.034 ? ? ? ? ? ? ? ? 6.818 ? ? ? ? 0.037 ? ? 9  1 0.997 ? ? 
10.000 27.490 ? 28.960 ? 85   25   ? 22   88.000  ? ? ? ? 0.018 ? ? ? ? ? ? ? ? 3.864 ? ? ? ? 0.020 ? ? 10 1 1.000 ? ? 
# 
_refine.aniso_B[1][1]                            0.2900 
_refine.aniso_B[1][2]                            0.0000 
_refine.aniso_B[1][3]                            0.0000 
_refine.aniso_B[2][2]                            0.2900 
_refine.aniso_B[2][3]                            0.0000 
_refine.aniso_B[3][3]                            -0.5800 
_refine.B_iso_max                                83.000 
_refine.B_iso_mean                               28.0580 
_refine.B_iso_min                                15.060 
_refine.correlation_coeff_Fo_to_Fc               0.9620 
_refine.correlation_coeff_Fo_to_Fc_free          0.9620 
_refine.details                                  
'HYDROGENS HAVE BEEN ADDED IN THE RIDING POSITIONS U VALUES      : REFINED INDIVIDUALLY' 
_refine.diff_density_max                         ? 
_refine.diff_density_max_esd                     ? 
_refine.diff_density_min                         ? 
_refine.diff_density_min_esd                     ? 
_refine.diff_density_rms                         ? 
_refine.diff_density_rms_esd                     ? 
_refine.entry_id                                 7NPQ 
_refine.pdbx_refine_id                           'X-RAY DIFFRACTION' 
_refine.ls_abs_structure_details                 ? 
_refine.ls_abs_structure_Flack                   ? 
_refine.ls_abs_structure_Flack_esd               ? 
_refine.ls_abs_structure_Rogers                  ? 
_refine.ls_abs_structure_Rogers_esd              ? 
_refine.ls_d_res_high                            1.5000 
_refine.ls_d_res_low                             27.4900 
_refine.ls_extinction_coef                       ? 
_refine.ls_extinction_coef_esd                   ? 
_refine.ls_extinction_expression                 ? 
_refine.ls_extinction_method                     ? 
_refine.ls_goodness_of_fit_all                   ? 
_refine.ls_goodness_of_fit_all_esd               ? 
_refine.ls_goodness_of_fit_obs                   ? 
_refine.ls_goodness_of_fit_obs_esd               ? 
_refine.ls_hydrogen_treatment                    ? 
_refine.ls_matrix_type                           ? 
_refine.ls_number_constraints                    ? 
_refine.ls_number_parameters                     ? 
_refine.ls_number_reflns_all                     ? 
_refine.ls_number_reflns_obs                     4249 
_refine.ls_number_reflns_R_free                  472 
_refine.ls_number_reflns_R_work                  ? 
_refine.ls_number_restraints                     ? 
_refine.ls_percent_reflns_obs                    99.0400 
_refine.ls_percent_reflns_R_free                 10.0000 
_refine.ls_R_factor_all                          ? 
_refine.ls_R_factor_obs                          0.1803 
_refine.ls_R_factor_R_free                       0.1917 
_refine.ls_R_factor_R_free_error                 ? 
_refine.ls_R_factor_R_free_error_details         ? 
_refine.ls_R_factor_R_work                       0.1789 
_refine.ls_R_Fsqd_factor_obs                     ? 
_refine.ls_R_I_factor_obs                        ? 
_refine.ls_redundancy_reflns_all                 ? 
_refine.ls_redundancy_reflns_obs                 ? 
_refine.ls_restrained_S_all                      ? 
_refine.ls_restrained_S_obs                      ? 
_refine.ls_shift_over_esd_max                    ? 
_refine.ls_shift_over_esd_mean                   ? 
_refine.ls_structure_factor_coef                 ? 
_refine.ls_weighting_details                     ? 
_refine.ls_weighting_scheme                      ? 
_refine.ls_wR_factor_all                         ? 
_refine.ls_wR_factor_obs                         ? 
_refine.ls_wR_factor_R_free                      0.1948 
_refine.ls_wR_factor_R_work                      0.1894 
_refine.occupancy_max                            ? 
_refine.occupancy_min                            ? 
_refine.solvent_model_details                    MASK 
_refine.solvent_model_param_bsol                 ? 
_refine.solvent_model_param_ksol                 ? 
_refine.pdbx_R_complete                          ? 
_refine.ls_R_factor_gt                           ? 
_refine.ls_goodness_of_fit_gt                    ? 
_refine.ls_goodness_of_fit_ref                   ? 
_refine.ls_shift_over_su_max                     ? 
_refine.ls_shift_over_su_max_lt                  ? 
_refine.ls_shift_over_su_mean                    ? 
_refine.ls_shift_over_su_mean_lt                 ? 
_refine.pdbx_ls_sigma_I                          ? 
_refine.pdbx_ls_sigma_F                          0.000 
_refine.pdbx_ls_sigma_Fsqd                       ? 
_refine.pdbx_data_cutoff_high_absF               ? 
_refine.pdbx_data_cutoff_high_rms_absF           ? 
_refine.pdbx_data_cutoff_low_absF                ? 
_refine.pdbx_isotropic_thermal_model             ? 
_refine.pdbx_ls_cross_valid_method               THROUGHOUT 
_refine.pdbx_method_to_determine_struct          'MOLECULAR REPLACEMENT' 
_refine.pdbx_starting_model                      'PDBid 6S6M with residues mutated to alanine' 
_refine.pdbx_stereochemistry_target_values       'MAXIMUM LIKELIHOOD' 
_refine.pdbx_R_Free_selection_details            RANDOM 
_refine.pdbx_stereochem_target_val_spec_case     ? 
_refine.pdbx_overall_ESU_R                       0.0820 
_refine.pdbx_overall_ESU_R_Free                  0.0760 
_refine.pdbx_solvent_vdw_probe_radii             1.2000 
_refine.pdbx_solvent_ion_probe_radii             0.8000 
_refine.pdbx_solvent_shrinkage_radii             0.8000 
_refine.pdbx_real_space_R                        ? 
_refine.pdbx_density_correlation                 ? 
_refine.pdbx_pd_number_of_powder_patterns        ? 
_refine.pdbx_pd_number_of_points                 ? 
_refine.pdbx_pd_meas_number_of_points            ? 
_refine.pdbx_pd_proc_ls_prof_R_factor            ? 
_refine.pdbx_pd_proc_ls_prof_wR_factor           ? 
_refine.pdbx_pd_Marquardt_correlation_coeff      ? 
_refine.pdbx_pd_Fsqrd_R_factor                   ? 
_refine.pdbx_pd_ls_matrix_band_width             ? 
_refine.pdbx_overall_phase_error                 ? 
_refine.pdbx_overall_SU_R_free_Cruickshank_DPI   ? 
_refine.pdbx_overall_SU_R_free_Blow_DPI          ? 
_refine.pdbx_overall_SU_R_Blow_DPI               ? 
_refine.pdbx_TLS_residual_ADP_flag               ? 
_refine.pdbx_diffrn_id                           1 
_refine.overall_SU_B                             1.3540 
_refine.overall_SU_ML                            0.0490 
_refine.overall_SU_R_Cruickshank_DPI             0.0820 
_refine.overall_SU_R_free                        0.0757 
_refine.overall_FOM_free_R_set                   ? 
_refine.overall_FOM_work_R_set                   0.8614 
_refine.pdbx_average_fsc_overall                 ? 
_refine.pdbx_average_fsc_work                    ? 
_refine.pdbx_average_fsc_free                    ? 
# 
_refine_hist.pdbx_refine_id                   'X-RAY DIFFRACTION' 
_refine_hist.cycle_id                         final 
_refine_hist.details                          ? 
_refine_hist.d_res_high                       1.5000 
_refine_hist.d_res_low                        27.4900 
_refine_hist.number_atoms_solvent             16 
_refine_hist.number_atoms_total               256 
_refine_hist.number_reflns_all                ? 
_refine_hist.number_reflns_obs                ? 
_refine_hist.number_reflns_R_free             ? 
_refine_hist.number_reflns_R_work             ? 
_refine_hist.R_factor_all                     ? 
_refine_hist.R_factor_obs                     ? 
_refine_hist.R_factor_R_free                  ? 
_refine_hist.R_factor_R_work                  ? 
_refine_hist.pdbx_number_residues_total       26 
_refine_hist.pdbx_B_iso_mean_ligand           ? 
_refine_hist.pdbx_B_iso_mean_solvent          39.54 
_refine_hist.pdbx_number_atoms_protein        240 
_refine_hist.pdbx_number_atoms_nucleic_acid   0 
_refine_hist.pdbx_number_atoms_ligand         0 
_refine_hist.pdbx_number_atoms_lipid          ? 
_refine_hist.pdbx_number_atoms_carb           ? 
_refine_hist.pdbx_pseudo_atom_details         ? 
# 
loop_
_refine_ls_restr.pdbx_refine_id 
_refine_ls_restr.criterion 
_refine_ls_restr.dev_ideal 
_refine_ls_restr.dev_ideal_target 
_refine_ls_restr.number 
_refine_ls_restr.rejects 
_refine_ls_restr.type 
_refine_ls_restr.weight 
_refine_ls_restr.pdbx_restraint_function 
'X-RAY DIFFRACTION' ? 0.012  0.013  262 ? r_bond_refined_d       ? ? 
'X-RAY DIFFRACTION' ? 0.002  0.018  289 ? r_bond_other_d         ? ? 
'X-RAY DIFFRACTION' ? 1.946  1.702  344 ? r_angle_refined_deg    ? ? 
'X-RAY DIFFRACTION' ? 1.484  1.641  655 ? r_angle_other_deg      ? ? 
'X-RAY DIFFRACTION' ? 4.171  5.000  27  ? r_dihedral_angle_1_deg ? ? 
'X-RAY DIFFRACTION' ? 21.507 15.455 22  ? r_dihedral_angle_2_deg ? ? 
'X-RAY DIFFRACTION' ? 16.690 15.000 63  ? r_dihedral_angle_3_deg ? ? 
'X-RAY DIFFRACTION' ? 21.453 15.000 7   ? r_dihedral_angle_4_deg ? ? 
'X-RAY DIFFRACTION' ? 0.116  0.200  30  ? r_chiral_restr         ? ? 
'X-RAY DIFFRACTION' ? 0.009  0.020  285 ? r_gen_planes_refined   ? ? 
'X-RAY DIFFRACTION' ? 0.002  0.020  85  ? r_gen_planes_other     ? ? 
# 
_refine_ls_shell.pdbx_refine_id                   'X-RAY DIFFRACTION' 
_refine_ls_shell.d_res_high                       1.5000 
_refine_ls_shell.d_res_low                        1.5390 
_refine_ls_shell.number_reflns_all                296 
_refine_ls_shell.number_reflns_obs                ? 
_refine_ls_shell.number_reflns_R_free             29 
_refine_ls_shell.number_reflns_R_work             267 
_refine_ls_shell.percent_reflns_obs               88.6200 
_refine_ls_shell.percent_reflns_R_free            ? 
_refine_ls_shell.R_factor_all                     ? 
_refine_ls_shell.R_factor_obs                     ? 
_refine_ls_shell.R_factor_R_free                  0.4830 
_refine_ls_shell.R_factor_R_free_error            0.0000 
_refine_ls_shell.R_factor_R_work                  0.4690 
_refine_ls_shell.redundancy_reflns_all            ? 
_refine_ls_shell.redundancy_reflns_obs            ? 
_refine_ls_shell.wR_factor_all                    ? 
_refine_ls_shell.wR_factor_obs                    ? 
_refine_ls_shell.wR_factor_R_free                 ? 
_refine_ls_shell.wR_factor_R_work                 ? 
_refine_ls_shell.pdbx_R_complete                  ? 
_refine_ls_shell.pdbx_total_number_of_bins_used   20 
_refine_ls_shell.pdbx_phase_error                 ? 
_refine_ls_shell.pdbx_fsc_work                    ? 
_refine_ls_shell.pdbx_fsc_free                    ? 
# 
_struct.entry_id                     7NPQ 
_struct.title                        'Crystal structure of the human LL37(17-29) I24C mutant antimicrobial peptide' 
_struct.pdbx_model_details           Antimicrobial 
_struct.pdbx_formula_weight          ? 
_struct.pdbx_formula_weight_method   ? 
_struct.pdbx_model_type_details      ? 
_struct.pdbx_CASP_flag               N 
# 
_struct_keywords.entry_id        7NPQ 
_struct_keywords.text            
'LL-37, functional fibril, helical fibril, AMPs, cys mutant, design, ANTIMICROBIAL peptide, ANTIMICROBIAL PROTEIN' 
_struct_keywords.pdbx_keywords   'ANTIMICROBIAL PROTEIN' 
# 
loop_
_struct_asym.id 
_struct_asym.pdbx_blank_PDB_chainid_flag 
_struct_asym.pdbx_modified 
_struct_asym.entity_id 
_struct_asym.details 
A N N 1 ? 
B N N 1 ? 
C N N 2 ? 
D N N 2 ? 
# 
_struct_ref.id                         1 
_struct_ref.db_name                    UNP 
_struct_ref.db_code                    CAMP_HUMAN 
_struct_ref.pdbx_db_accession          P49913 
_struct_ref.pdbx_db_isoform            ? 
_struct_ref.entity_id                  1 
_struct_ref.pdbx_seq_one_letter_code   FKRIVQRIKDFLR 
_struct_ref.pdbx_align_begin           150 
# 
loop_
_struct_ref_seq.align_id 
_struct_ref_seq.ref_id 
_struct_ref_seq.pdbx_PDB_id_code 
_struct_ref_seq.pdbx_strand_id 
_struct_ref_seq.seq_align_beg 
_struct_ref_seq.pdbx_seq_align_beg_ins_code 
_struct_ref_seq.seq_align_end 
_struct_ref_seq.pdbx_seq_align_end_ins_code 
_struct_ref_seq.pdbx_db_accession 
_struct_ref_seq.db_align_beg 
_struct_ref_seq.pdbx_db_align_beg_ins_code 
_struct_ref_seq.db_align_end 
_struct_ref_seq.pdbx_db_align_end_ins_code 
_struct_ref_seq.pdbx_auth_seq_align_beg 
_struct_ref_seq.pdbx_auth_seq_align_end 
1 1 7NPQ A 1 ? 13 ? P49913 150 ? 162 ? 17 29 
2 1 7NPQ B 1 ? 13 ? P49913 150 ? 162 ? 17 29 
# 
loop_
_struct_ref_seq_dif.align_id 
_struct_ref_seq_dif.pdbx_pdb_id_code 
_struct_ref_seq_dif.mon_id 
_struct_ref_seq_dif.pdbx_pdb_strand_id 
_struct_ref_seq_dif.seq_num 
_struct_ref_seq_dif.pdbx_pdb_ins_code 
_struct_ref_seq_dif.pdbx_seq_db_name 
_struct_ref_seq_dif.pdbx_seq_db_accession_code 
_struct_ref_seq_dif.db_mon_id 
_struct_ref_seq_dif.pdbx_seq_db_seq_num 
_struct_ref_seq_dif.details 
_struct_ref_seq_dif.pdbx_auth_seq_num 
_struct_ref_seq_dif.pdbx_ordinal 
1 7NPQ CYS A 8 ? UNP P49913 ILE 157 'engineered mutation' 24 1 
2 7NPQ CYS B 8 ? UNP P49913 ILE 157 'engineered mutation' 24 2 
# 
_pdbx_struct_assembly.id                   1 
_pdbx_struct_assembly.details              author_and_software_defined_assembly 
_pdbx_struct_assembly.method_details       PISA 
_pdbx_struct_assembly.oligomeric_details   dimeric 
_pdbx_struct_assembly.oligomeric_count     2 
# 
loop_
_pdbx_struct_assembly_prop.biol_id 
_pdbx_struct_assembly_prop.type 
_pdbx_struct_assembly_prop.value 
_pdbx_struct_assembly_prop.details 
1 'ABSA (A^2)' 500  ? 
1 MORE         -10  ? 
1 'SSA (A^2)'  3200 ? 
# 
_pdbx_struct_assembly_gen.assembly_id       1 
_pdbx_struct_assembly_gen.oper_expression   1 
_pdbx_struct_assembly_gen.asym_id_list      A,B,C,D 
# 
_pdbx_struct_assembly_auth_evidence.id                     1 
_pdbx_struct_assembly_auth_evidence.assembly_id            1 
_pdbx_struct_assembly_auth_evidence.experimental_support   microscopy 
_pdbx_struct_assembly_auth_evidence.details                ? 
# 
_pdbx_struct_oper_list.id                   1 
_pdbx_struct_oper_list.type                 'identity operation' 
_pdbx_struct_oper_list.name                 1_555 
_pdbx_struct_oper_list.symmetry_operation   x,y,z 
_pdbx_struct_oper_list.matrix[1][1]         1.0000000000 
_pdbx_struct_oper_list.matrix[1][2]         0.0000000000 
_pdbx_struct_oper_list.matrix[1][3]         0.0000000000 
_pdbx_struct_oper_list.vector[1]            0.0000000000 
_pdbx_struct_oper_list.matrix[2][1]         0.0000000000 
_pdbx_struct_oper_list.matrix[2][2]         1.0000000000 
_pdbx_struct_oper_list.matrix[2][3]         0.0000000000 
_pdbx_struct_oper_list.vector[2]            0.0000000000 
_pdbx_struct_oper_list.matrix[3][1]         0.0000000000 
_pdbx_struct_oper_list.matrix[3][2]         0.0000000000 
_pdbx_struct_oper_list.matrix[3][3]         1.0000000000 
_pdbx_struct_oper_list.vector[3]            0.0000000000 
# 
loop_
_struct_conf.conf_type_id 
_struct_conf.id 
_struct_conf.pdbx_PDB_helix_id 
_struct_conf.beg_label_comp_id 
_struct_conf.beg_label_asym_id 
_struct_conf.beg_label_seq_id 
_struct_conf.pdbx_beg_PDB_ins_code 
_struct_conf.end_label_comp_id 
_struct_conf.end_label_asym_id 
_struct_conf.end_label_seq_id 
_struct_conf.pdbx_end_PDB_ins_code 
_struct_conf.beg_auth_comp_id 
_struct_conf.beg_auth_asym_id 
_struct_conf.beg_auth_seq_id 
_struct_conf.end_auth_comp_id 
_struct_conf.end_auth_asym_id 
_struct_conf.end_auth_seq_id 
_struct_conf.pdbx_PDB_helix_class 
_struct_conf.details 
_struct_conf.pdbx_PDB_helix_length 
HELX_P HELX_P1 AA1 PHE A 1 ? LEU A 12 ? PHE A 17 LEU A 28 1 ? 12 
HELX_P HELX_P2 AA2 LYS B 2 ? LEU B 12 ? LYS B 18 LEU B 28 1 ? 11 
# 
_struct_conf_type.id          HELX_P 
_struct_conf_type.criteria    ? 
_struct_conf_type.reference   ? 
# 
_struct_conn.id                            disulf1 
_struct_conn.conn_type_id                  disulf 
_struct_conn.pdbx_leaving_atom_flag        ? 
_struct_conn.pdbx_PDB_id                   ? 
_struct_conn.ptnr1_label_asym_id           A 
_struct_conn.ptnr1_label_comp_id           CYS 
_struct_conn.ptnr1_label_seq_id            8 
_struct_conn.ptnr1_label_atom_id           SG 
_struct_conn.pdbx_ptnr1_label_alt_id       ? 
_struct_conn.pdbx_ptnr1_PDB_ins_code       ? 
_struct_conn.pdbx_ptnr1_standard_comp_id   ? 
_struct_conn.ptnr1_symmetry                1_555 
_struct_conn.ptnr2_label_asym_id           B 
_struct_conn.ptnr2_label_comp_id           CYS 
_struct_conn.ptnr2_label_seq_id            8 
_struct_conn.ptnr2_label_atom_id           SG 
_struct_conn.pdbx_ptnr2_label_alt_id       ? 
_struct_conn.pdbx_ptnr2_PDB_ins_code       ? 
_struct_conn.ptnr1_auth_asym_id            A 
_struct_conn.ptnr1_auth_comp_id            CYS 
_struct_conn.ptnr1_auth_seq_id             24 
_struct_conn.ptnr2_auth_asym_id            B 
_struct_conn.ptnr2_auth_comp_id            CYS 
_struct_conn.ptnr2_auth_seq_id             24 
_struct_conn.ptnr2_symmetry                1_555 
_struct_conn.pdbx_ptnr3_label_atom_id      ? 
_struct_conn.pdbx_ptnr3_label_seq_id       ? 
_struct_conn.pdbx_ptnr3_label_comp_id      ? 
_struct_conn.pdbx_ptnr3_label_asym_id      ? 
_struct_conn.pdbx_ptnr3_label_alt_id       ? 
_struct_conn.pdbx_ptnr3_PDB_ins_code       ? 
_struct_conn.details                       ? 
_struct_conn.pdbx_dist_value               2.094 
_struct_conn.pdbx_value_order              ? 
_struct_conn.pdbx_role                     ? 
# 
_struct_conn_type.id          disulf 
_struct_conn_type.criteria    ? 
_struct_conn_type.reference   ? 
# 
_pdbx_modification_feature.ordinal                            1 
_pdbx_modification_feature.label_comp_id                      CYS 
_pdbx_modification_feature.label_asym_id                      A 
_pdbx_modification_feature.label_seq_id                       8 
_pdbx_modification_feature.label_alt_id                       ? 
_pdbx_modification_feature.modified_residue_label_comp_id     CYS 
_pdbx_modification_feature.modified_residue_label_asym_id     B 
_pdbx_modification_feature.modified_residue_label_seq_id      8 
_pdbx_modification_feature.modified_residue_label_alt_id      ? 
_pdbx_modification_feature.auth_comp_id                       CYS 
_pdbx_modification_feature.auth_asym_id                       A 
_pdbx_modification_feature.auth_seq_id                        24 
_pdbx_modification_feature.PDB_ins_code                       ? 
_pdbx_modification_feature.symmetry                           1_555 
_pdbx_modification_feature.modified_residue_auth_comp_id      CYS 
_pdbx_modification_feature.modified_residue_auth_asym_id      B 
_pdbx_modification_feature.modified_residue_auth_seq_id       24 
_pdbx_modification_feature.modified_residue_PDB_ins_code      ? 
_pdbx_modification_feature.modified_residue_symmetry          1_555 
_pdbx_modification_feature.comp_id_linking_atom               SG 
_pdbx_modification_feature.modified_residue_id_linking_atom   SG 
_pdbx_modification_feature.modified_residue_id                . 
_pdbx_modification_feature.ref_pcm_id                         . 
_pdbx_modification_feature.ref_comp_id                        . 
_pdbx_modification_feature.type                               None 
_pdbx_modification_feature.category                           'Disulfide bridge' 
# 
_pdbx_entry_details.entry_id                   7NPQ 
_pdbx_entry_details.compound_details           ? 
_pdbx_entry_details.source_details             ? 
_pdbx_entry_details.nonpolymer_details         ? 
_pdbx_entry_details.sequence_details           ? 
_pdbx_entry_details.has_ligand_of_interest     ? 
_pdbx_entry_details.has_protein_modification   Y 
# 
_pdbx_struct_special_symmetry.id              1 
_pdbx_struct_special_symmetry.PDB_model_num   1 
_pdbx_struct_special_symmetry.auth_asym_id    B 
_pdbx_struct_special_symmetry.auth_comp_id    HOH 
_pdbx_struct_special_symmetry.auth_seq_id     109 
_pdbx_struct_special_symmetry.PDB_ins_code    ? 
_pdbx_struct_special_symmetry.label_asym_id   D 
_pdbx_struct_special_symmetry.label_comp_id   HOH 
_pdbx_struct_special_symmetry.label_seq_id    . 
# 
_pdbx_phasing_MR.entry_id                     7NPQ 
_pdbx_phasing_MR.method_rotation              ? 
_pdbx_phasing_MR.method_translation           ? 
_pdbx_phasing_MR.model_details                ? 
_pdbx_phasing_MR.R_factor                     ? 
_pdbx_phasing_MR.R_rigid_body                 ? 
_pdbx_phasing_MR.correlation_coeff_Fo_to_Fc   ? 
_pdbx_phasing_MR.correlation_coeff_Io_to_Ic   ? 
_pdbx_phasing_MR.d_res_high_rotation          ? 
_pdbx_phasing_MR.d_res_low_rotation           ? 
_pdbx_phasing_MR.d_res_high_translation       ? 
_pdbx_phasing_MR.d_res_low_translation        ? 
_pdbx_phasing_MR.packing                      0.000 
_pdbx_phasing_MR.reflns_percent_rotation      ? 
_pdbx_phasing_MR.reflns_percent_translation   ? 
_pdbx_phasing_MR.sigma_F_rotation             ? 
_pdbx_phasing_MR.sigma_F_translation          ? 
_pdbx_phasing_MR.sigma_I_rotation             ? 
_pdbx_phasing_MR.sigma_I_translation          ? 
# 
_phasing.method   MR 
# 
loop_
_chem_comp_atom.comp_id 
_chem_comp_atom.atom_id 
_chem_comp_atom.type_symbol 
_chem_comp_atom.pdbx_aromatic_flag 
_chem_comp_atom.pdbx_stereo_config 
_chem_comp_atom.pdbx_ordinal 
ARG N    N N N 1   
ARG CA   C N S 2   
ARG C    C N N 3   
ARG O    O N N 4   
ARG CB   C N N 5   
ARG CG   C N N 6   
ARG CD   C N N 7   
ARG NE   N N N 8   
ARG CZ   C N N 9   
ARG NH1  N N N 10  
ARG NH2  N N N 11  
ARG OXT  O N N 12  
ARG H    H N N 13  
ARG H2   H N N 14  
ARG HA   H N N 15  
ARG HB2  H N N 16  
ARG HB3  H N N 17  
ARG HG2  H N N 18  
ARG HG3  H N N 19  
ARG HD2  H N N 20  
ARG HD3  H N N 21  
ARG HE   H N N 22  
ARG HH11 H N N 23  
ARG HH12 H N N 24  
ARG HH21 H N N 25  
ARG HH22 H N N 26  
ARG HXT  H N N 27  
ASP N    N N N 28  
ASP CA   C N S 29  
ASP C    C N N 30  
ASP O    O N N 31  
ASP CB   C N N 32  
ASP CG   C N N 33  
ASP OD1  O N N 34  
ASP OD2  O N N 35  
ASP OXT  O N N 36  
ASP H    H N N 37  
ASP H2   H N N 38  
ASP HA   H N N 39  
ASP HB2  H N N 40  
ASP HB3  H N N 41  
ASP HD2  H N N 42  
ASP HXT  H N N 43  
CYS N    N N N 44  
CYS CA   C N R 45  
CYS C    C N N 46  
CYS O    O N N 47  
CYS CB   C N N 48  
CYS SG   S N N 49  
CYS OXT  O N N 50  
CYS H    H N N 51  
CYS H2   H N N 52  
CYS HA   H N N 53  
CYS HB2  H N N 54  
CYS HB3  H N N 55  
CYS HG   H N N 56  
CYS HXT  H N N 57  
GLN N    N N N 58  
GLN CA   C N S 59  
GLN C    C N N 60  
GLN O    O N N 61  
GLN CB   C N N 62  
GLN CG   C N N 63  
GLN CD   C N N 64  
GLN OE1  O N N 65  
GLN NE2  N N N 66  
GLN OXT  O N N 67  
GLN H    H N N 68  
GLN H2   H N N 69  
GLN HA   H N N 70  
GLN HB2  H N N 71  
GLN HB3  H N N 72  
GLN HG2  H N N 73  
GLN HG3  H N N 74  
GLN HE21 H N N 75  
GLN HE22 H N N 76  
GLN HXT  H N N 77  
HOH O    O N N 78  
HOH H1   H N N 79  
HOH H2   H N N 80  
ILE N    N N N 81  
ILE CA   C N S 82  
ILE C    C N N 83  
ILE O    O N N 84  
ILE CB   C N S 85  
ILE CG1  C N N 86  
ILE CG2  C N N 87  
ILE CD1  C N N 88  
ILE OXT  O N N 89  
ILE H    H N N 90  
ILE H2   H N N 91  
ILE HA   H N N 92  
ILE HB   H N N 93  
ILE HG12 H N N 94  
ILE HG13 H N N 95  
ILE HG21 H N N 96  
ILE HG22 H N N 97  
ILE HG23 H N N 98  
ILE HD11 H N N 99  
ILE HD12 H N N 100 
ILE HD13 H N N 101 
ILE HXT  H N N 102 
LEU N    N N N 103 
LEU CA   C N S 104 
LEU C    C N N 105 
LEU O    O N N 106 
LEU CB   C N N 107 
LEU CG   C N N 108 
LEU CD1  C N N 109 
LEU CD2  C N N 110 
LEU OXT  O N N 111 
LEU H    H N N 112 
LEU H2   H N N 113 
LEU HA   H N N 114 
LEU HB2  H N N 115 
LEU HB3  H N N 116 
LEU HG   H N N 117 
LEU HD11 H N N 118 
LEU HD12 H N N 119 
LEU HD13 H N N 120 
LEU HD21 H N N 121 
LEU HD22 H N N 122 
LEU HD23 H N N 123 
LEU HXT  H N N 124 
LYS N    N N N 125 
LYS CA   C N S 126 
LYS C    C N N 127 
LYS O    O N N 128 
LYS CB   C N N 129 
LYS CG   C N N 130 
LYS CD   C N N 131 
LYS CE   C N N 132 
LYS NZ   N N N 133 
LYS OXT  O N N 134 
LYS H    H N N 135 
LYS H2   H N N 136 
LYS HA   H N N 137 
LYS HB2  H N N 138 
LYS HB3  H N N 139 
LYS HG2  H N N 140 
LYS HG3  H N N 141 
LYS HD2  H N N 142 
LYS HD3  H N N 143 
LYS HE2  H N N 144 
LYS HE3  H N N 145 
LYS HZ1  H N N 146 
LYS HZ2  H N N 147 
LYS HZ3  H N N 148 
LYS HXT  H N N 149 
PHE N    N N N 150 
PHE CA   C N S 151 
PHE C    C N N 152 
PHE O    O N N 153 
PHE CB   C N N 154 
PHE CG   C Y N 155 
PHE CD1  C Y N 156 
PHE CD2  C Y N 157 
PHE CE1  C Y N 158 
PHE CE2  C Y N 159 
PHE CZ   C Y N 160 
PHE OXT  O N N 161 
PHE H    H N N 162 
PHE H2   H N N 163 
PHE HA   H N N 164 
PHE HB2  H N N 165 
PHE HB3  H N N 166 
PHE HD1  H N N 167 
PHE HD2  H N N 168 
PHE HE1  H N N 169 
PHE HE2  H N N 170 
PHE HZ   H N N 171 
PHE HXT  H N N 172 
VAL N    N N N 173 
VAL CA   C N S 174 
VAL C    C N N 175 
VAL O    O N N 176 
VAL CB   C N N 177 
VAL CG1  C N N 178 
VAL CG2  C N N 179 
VAL OXT  O N N 180 
VAL H    H N N 181 
VAL H2   H N N 182 
VAL HA   H N N 183 
VAL HB   H N N 184 
VAL HG11 H N N 185 
VAL HG12 H N N 186 
VAL HG13 H N N 187 
VAL HG21 H N N 188 
VAL HG22 H N N 189 
VAL HG23 H N N 190 
VAL HXT  H N N 191 
# 
loop_
_chem_comp_bond.comp_id 
_chem_comp_bond.atom_id_1 
_chem_comp_bond.atom_id_2 
_chem_comp_bond.value_order 
_chem_comp_bond.pdbx_aromatic_flag 
_chem_comp_bond.pdbx_stereo_config 
_chem_comp_bond.pdbx_ordinal 
ARG N   CA   sing N N 1   
ARG N   H    sing N N 2   
ARG N   H2   sing N N 3   
ARG CA  C    sing N N 4   
ARG CA  CB   sing N N 5   
ARG CA  HA   sing N N 6   
ARG C   O    doub N N 7   
ARG C   OXT  sing N N 8   
ARG CB  CG   sing N N 9   
ARG CB  HB2  sing N N 10  
ARG CB  HB3  sing N N 11  
ARG CG  CD   sing N N 12  
ARG CG  HG2  sing N N 13  
ARG CG  HG3  sing N N 14  
ARG CD  NE   sing N N 15  
ARG CD  HD2  sing N N 16  
ARG CD  HD3  sing N N 17  
ARG NE  CZ   sing N N 18  
ARG NE  HE   sing N N 19  
ARG CZ  NH1  sing N N 20  
ARG CZ  NH2  doub N N 21  
ARG NH1 HH11 sing N N 22  
ARG NH1 HH12 sing N N 23  
ARG NH2 HH21 sing N N 24  
ARG NH2 HH22 sing N N 25  
ARG OXT HXT  sing N N 26  
ASP N   CA   sing N N 27  
ASP N   H    sing N N 28  
ASP N   H2   sing N N 29  
ASP CA  C    sing N N 30  
ASP CA  CB   sing N N 31  
ASP CA  HA   sing N N 32  
ASP C   O    doub N N 33  
ASP C   OXT  sing N N 34  
ASP CB  CG   sing N N 35  
ASP CB  HB2  sing N N 36  
ASP CB  HB3  sing N N 37  
ASP CG  OD1  doub N N 38  
ASP CG  OD2  sing N N 39  
ASP OD2 HD2  sing N N 40  
ASP OXT HXT  sing N N 41  
CYS N   CA   sing N N 42  
CYS N   H    sing N N 43  
CYS N   H2   sing N N 44  
CYS CA  C    sing N N 45  
CYS CA  CB   sing N N 46  
CYS CA  HA   sing N N 47  
CYS C   O    doub N N 48  
CYS C   OXT  sing N N 49  
CYS CB  SG   sing N N 50  
CYS CB  HB2  sing N N 51  
CYS CB  HB3  sing N N 52  
CYS SG  HG   sing N N 53  
CYS OXT HXT  sing N N 54  
GLN N   CA   sing N N 55  
GLN N   H    sing N N 56  
GLN N   H2   sing N N 57  
GLN CA  C    sing N N 58  
GLN CA  CB   sing N N 59  
GLN CA  HA   sing N N 60  
GLN C   O    doub N N 61  
GLN C   OXT  sing N N 62  
GLN CB  CG   sing N N 63  
GLN CB  HB2  sing N N 64  
GLN CB  HB3  sing N N 65  
GLN CG  CD   sing N N 66  
GLN CG  HG2  sing N N 67  
GLN CG  HG3  sing N N 68  
GLN CD  OE1  doub N N 69  
GLN CD  NE2  sing N N 70  
GLN NE2 HE21 sing N N 71  
GLN NE2 HE22 sing N N 72  
GLN OXT HXT  sing N N 73  
HOH O   H1   sing N N 74  
HOH O   H2   sing N N 75  
ILE N   CA   sing N N 76  
ILE N   H    sing N N 77  
ILE N   H2   sing N N 78  
ILE CA  C    sing N N 79  
ILE CA  CB   sing N N 80  
ILE CA  HA   sing N N 81  
ILE C   O    doub N N 82  
ILE C   OXT  sing N N 83  
ILE CB  CG1  sing N N 84  
ILE CB  CG2  sing N N 85  
ILE CB  HB   sing N N 86  
ILE CG1 CD1  sing N N 87  
ILE CG1 HG12 sing N N 88  
ILE CG1 HG13 sing N N 89  
ILE CG2 HG21 sing N N 90  
ILE CG2 HG22 sing N N 91  
ILE CG2 HG23 sing N N 92  
ILE CD1 HD11 sing N N 93  
ILE CD1 HD12 sing N N 94  
ILE CD1 HD13 sing N N 95  
ILE OXT HXT  sing N N 96  
LEU N   CA   sing N N 97  
LEU N   H    sing N N 98  
LEU N   H2   sing N N 99  
LEU CA  C    sing N N 100 
LEU CA  CB   sing N N 101 
LEU CA  HA   sing N N 102 
LEU C   O    doub N N 103 
LEU C   OXT  sing N N 104 
LEU CB  CG   sing N N 105 
LEU CB  HB2  sing N N 106 
LEU CB  HB3  sing N N 107 
LEU CG  CD1  sing N N 108 
LEU CG  CD2  sing N N 109 
LEU CG  HG   sing N N 110 
LEU CD1 HD11 sing N N 111 
LEU CD1 HD12 sing N N 112 
LEU CD1 HD13 sing N N 113 
LEU CD2 HD21 sing N N 114 
LEU CD2 HD22 sing N N 115 
LEU CD2 HD23 sing N N 116 
LEU OXT HXT  sing N N 117 
LYS N   CA   sing N N 118 
LYS N   H    sing N N 119 
LYS N   H2   sing N N 120 
LYS CA  C    sing N N 121 
LYS CA  CB   sing N N 122 
LYS CA  HA   sing N N 123 
LYS C   O    doub N N 124 
LYS C   OXT  sing N N 125 
LYS CB  CG   sing N N 126 
LYS CB  HB2  sing N N 127 
LYS CB  HB3  sing N N 128 
LYS CG  CD   sing N N 129 
LYS CG  HG2  sing N N 130 
LYS CG  HG3  sing N N 131 
LYS CD  CE   sing N N 132 
LYS CD  HD2  sing N N 133 
LYS CD  HD3  sing N N 134 
LYS CE  NZ   sing N N 135 
LYS CE  HE2  sing N N 136 
LYS CE  HE3  sing N N 137 
LYS NZ  HZ1  sing N N 138 
LYS NZ  HZ2  sing N N 139 
LYS NZ  HZ3  sing N N 140 
LYS OXT HXT  sing N N 141 
PHE N   CA   sing N N 142 
PHE N   H    sing N N 143 
PHE N   H2   sing N N 144 
PHE CA  C    sing N N 145 
PHE CA  CB   sing N N 146 
PHE CA  HA   sing N N 147 
PHE C   O    doub N N 148 
PHE C   OXT  sing N N 149 
PHE CB  CG   sing N N 150 
PHE CB  HB2  sing N N 151 
PHE CB  HB3  sing N N 152 
PHE CG  CD1  doub Y N 153 
PHE CG  CD2  sing Y N 154 
PHE CD1 CE1  sing Y N 155 
PHE CD1 HD1  sing N N 156 
PHE CD2 CE2  doub Y N 157 
PHE CD2 HD2  sing N N 158 
PHE CE1 CZ   doub Y N 159 
PHE CE1 HE1  sing N N 160 
PHE CE2 CZ   sing Y N 161 
PHE CE2 HE2  sing N N 162 
PHE CZ  HZ   sing N N 163 
PHE OXT HXT  sing N N 164 
VAL N   CA   sing N N 165 
VAL N   H    sing N N 166 
VAL N   H2   sing N N 167 
VAL CA  C    sing N N 168 
VAL CA  CB   sing N N 169 
VAL CA  HA   sing N N 170 
VAL C   O    doub N N 171 
VAL C   OXT  sing N N 172 
VAL CB  CG1  sing N N 173 
VAL CB  CG2  sing N N 174 
VAL CB  HB   sing N N 175 
VAL CG1 HG11 sing N N 176 
VAL CG1 HG12 sing N N 177 
VAL CG1 HG13 sing N N 178 
VAL CG2 HG21 sing N N 179 
VAL CG2 HG22 sing N N 180 
VAL CG2 HG23 sing N N 181 
VAL OXT HXT  sing N N 182 
# 
_pdbx_initial_refinement_model.id               1 
_pdbx_initial_refinement_model.entity_id_list   ? 
_pdbx_initial_refinement_model.type             'experimental model' 
_pdbx_initial_refinement_model.source_name      PDB 
_pdbx_initial_refinement_model.accession_code   6S6M 
_pdbx_initial_refinement_model.details          'PDBid 6S6M with residues mutated to alanine' 
# 
_atom_sites.entry_id                    7NPQ 
_atom_sites.Cartn_transf_matrix[1][1]   ? 
_atom_sites.Cartn_transf_matrix[1][2]   ? 
_atom_sites.Cartn_transf_matrix[1][3]   ? 
_atom_sites.Cartn_transf_matrix[2][1]   ? 
_atom_sites.Cartn_transf_matrix[2][2]   ? 
_atom_sites.Cartn_transf_matrix[2][3]   ? 
_atom_sites.Cartn_transf_matrix[3][1]   ? 
_atom_sites.Cartn_transf_matrix[3][2]   ? 
_atom_sites.Cartn_transf_matrix[3][3]   ? 
_atom_sites.Cartn_transf_vector[1]      ? 
_atom_sites.Cartn_transf_vector[2]      ? 
_atom_sites.Cartn_transf_vector[3]      ? 
_atom_sites.fract_transf_matrix[1][1]   -0.02432996 
_atom_sites.fract_transf_matrix[1][2]   -0.01372042 
_atom_sites.fract_transf_matrix[1][3]   0.00631515 
_atom_sites.fract_transf_matrix[2][1]   -0.01508584 
_atom_sites.fract_transf_matrix[2][2]   0.02148751 
_atom_sites.fract_transf_matrix[2][3]   -0.01143600 
_atom_sites.fract_transf_matrix[3][1]   0.00058029 
_atom_sites.fract_transf_matrix[3][2]   -0.01021899 
_atom_sites.fract_transf_matrix[3][3]   -0.01996633 
_atom_sites.fract_transf_vector[1]      0.115173 
_atom_sites.fract_transf_vector[2]      0.365988 
_atom_sites.fract_transf_vector[3]      -0.014320 
_atom_sites.solution_primary            ? 
_atom_sites.solution_secondary          ? 
_atom_sites.solution_hydrogens          ? 
_atom_sites.special_details             ? 
# 
loop_
_atom_type.symbol 
C 
N 
O 
S 
# 
loop_
_atom_site.group_PDB 
_atom_site.id 
_atom_site.type_symbol 
_atom_site.label_atom_id 
_atom_site.label_alt_id 
_atom_site.label_comp_id 
_atom_site.label_asym_id 
_atom_site.label_entity_id 
_atom_site.label_seq_id 
_atom_site.pdbx_PDB_ins_code 
_atom_site.Cartn_x 
_atom_site.Cartn_y 
_atom_site.Cartn_z 
_atom_site.occupancy 
_atom_site.B_iso_or_equiv 
_atom_site.pdbx_formal_charge 
_atom_site.auth_seq_id 
_atom_site.auth_comp_id 
_atom_site.auth_asym_id 
_atom_site.auth_atom_id 
_atom_site.pdbx_PDB_model_num 
ATOM   1   N N   . PHE A 1 1  ? 5.833   -0.655  -11.813 1.00 51.71 ? 17  PHE A N   1 
ATOM   2   C CA  . PHE A 1 1  ? 5.237   -0.293  -10.495 1.00 49.07 ? 17  PHE A CA  1 
ATOM   3   C C   . PHE A 1 1  ? 5.638   -1.315  -9.424  1.00 45.92 ? 17  PHE A C   1 
ATOM   4   O O   . PHE A 1 1  ? 5.060   -1.317  -8.299  1.00 36.61 ? 17  PHE A O   1 
ATOM   5   C CB  . PHE A 1 1  ? 3.719   -0.176  -10.624 1.00 48.58 ? 17  PHE A CB  1 
ATOM   6   C CG  . PHE A 1 1  ? 3.023   -1.324  -11.313 1.00 44.98 ? 17  PHE A CG  1 
ATOM   7   C CD1 . PHE A 1 1  ? 3.173   -2.636  -10.871 1.00 44.12 ? 17  PHE A CD1 1 
ATOM   8   C CD2 . PHE A 1 1  ? 2.164   -1.074  -12.369 1.00 47.22 ? 17  PHE A CD2 1 
ATOM   9   C CE1 . PHE A 1 1  ? 2.495   -3.682  -11.476 1.00 44.83 ? 17  PHE A CE1 1 
ATOM   10  C CE2 . PHE A 1 1  ? 1.470   -2.116  -12.961 1.00 49.64 ? 17  PHE A CE2 1 
ATOM   11  C CZ  . PHE A 1 1  ? 1.650   -3.417  -12.528 1.00 50.00 ? 17  PHE A CZ  1 
ATOM   12  N N   . LYS A 1 2  ? 6.652   -2.130  -9.714  1.00 35.44 ? 18  LYS A N   1 
ATOM   13  C CA  . LYS A 1 2  ? 7.257   -3.071  -8.731  1.00 38.61 ? 18  LYS A CA  1 
ATOM   14  C C   . LYS A 1 2  ? 7.714   -2.293  -7.478  1.00 34.23 ? 18  LYS A C   1 
ATOM   15  O O   . LYS A 1 2  ? 7.671   -2.861  -6.356  1.00 28.37 ? 18  LYS A O   1 
ATOM   16  C CB  . LYS A 1 2  ? 8.456   -3.812  -9.330  1.00 46.07 ? 18  LYS A CB  1 
ATOM   17  C CG  . LYS A 1 2  ? 8.113   -4.982  -10.242 1.00 59.85 ? 18  LYS A CG  1 
ATOM   18  C CD  . LYS A 1 2  ? 9.331   -5.537  -10.973 1.00 68.59 ? 18  LYS A CD  1 
ATOM   19  C CE  . LYS A 1 2  ? 9.078   -6.894  -11.600 1.00 73.45 ? 18  LYS A CE  1 
ATOM   20  N NZ  . LYS A 1 2  ? 10.185  -7.304  -12.498 1.00 73.75 ? 18  LYS A NZ  1 
ATOM   21  N N   . ARG A 1 3  ? 8.160   -1.045  -7.624  1.00 30.54 ? 19  ARG A N   1 
ATOM   22  C CA  . ARG A 1 3  ? 8.615   -0.281  -6.441  1.00 31.97 ? 19  ARG A CA  1 
ATOM   23  C C   . ARG A 1 3  ? 7.389   0.085   -5.589  1.00 26.50 ? 19  ARG A C   1 
ATOM   24  O O   . ARG A 1 3  ? 7.552   0.164   -4.354  1.00 24.19 ? 19  ARG A O   1 
ATOM   25  C CB  . ARG A 1 3  ? 9.438   0.949   -6.841  1.00 38.70 ? 19  ARG A CB  1 
ATOM   26  C CG  . ARG A 1 3  ? 10.740  0.581   -7.541  1.00 48.74 ? 19  ARG A CG  1 
ATOM   27  C CD  . ARG A 1 3  ? 11.960  1.400   -7.166  1.00 57.93 ? 19  ARG A CD  1 
ATOM   28  N NE  . ARG A 1 3  ? 13.006  1.113   -8.136  1.00 70.58 ? 19  ARG A NE  1 
ATOM   29  C CZ  . ARG A 1 3  ? 13.486  1.969   -9.039  1.00 80.97 ? 19  ARG A CZ  1 
ATOM   30  N NH1 . ARG A 1 3  ? 14.437  1.570   -9.874  1.00 83.00 ? 19  ARG A NH1 1 
ATOM   31  N NH2 . ARG A 1 3  ? 13.048  3.221   -9.089  1.00 75.28 ? 19  ARG A NH2 1 
ATOM   32  N N   . ILE A 1 4  ? 6.252   0.387   -6.213  1.00 25.29 ? 20  ILE A N   1 
ATOM   33  C CA  . ILE A 1 4  ? 4.969   0.676   -5.483  1.00 24.19 ? 20  ILE A CA  1 
ATOM   34  C C   . ILE A 1 4  ? 4.540   -0.574  -4.681  1.00 23.96 ? 20  ILE A C   1 
ATOM   35  O O   . ILE A 1 4  ? 4.154   -0.486  -3.456  1.00 21.14 ? 20  ILE A O   1 
ATOM   36  C CB  . ILE A 1 4  ? 3.826   1.039   -6.458  1.00 29.27 ? 20  ILE A CB  1 
ATOM   37  C CG1 . ILE A 1 4  ? 4.223   2.015   -7.563  1.00 36.31 ? 20  ILE A CG1 1 
ATOM   38  C CG2 . ILE A 1 4  ? 2.628   1.554   -5.681  1.00 31.52 ? 20  ILE A CG2 1 
ATOM   39  C CD1 . ILE A 1 4  ? 4.744   3.307   -7.053  1.00 42.69 ? 20  ILE A CD1 1 
ATOM   40  N N   . VAL A 1 5  ? 4.564   -1.737  -5.331  1.00 22.34 ? 21  VAL A N   1 
ATOM   41  C CA  . VAL A 1 5  ? 4.169   -2.986  -4.628  1.00 20.07 ? 21  VAL A CA  1 
ATOM   42  C C   . VAL A 1 5  ? 5.034   -3.175  -3.391  1.00 19.15 ? 21  VAL A C   1 
ATOM   43  O O   . VAL A 1 5  ? 4.570   -3.454  -2.293  1.00 18.49 ? 21  VAL A O   1 
ATOM   44  C CB  . VAL A 1 5  ? 4.297   -4.187  -5.577  1.00 21.43 ? 21  VAL A CB  1 
ATOM   45  C CG1 . VAL A 1 5  ? 4.156   -5.494  -4.831  1.00 23.39 ? 21  VAL A CG1 1 
ATOM   46  C CG2 . VAL A 1 5  ? 3.281   -4.062  -6.689  1.00 24.06 ? 21  VAL A CG2 1 
ATOM   47  N N   . GLN A 1 6  ? 6.355   -3.039  -3.558  1.00 20.11 ? 22  GLN A N   1 
ATOM   48  C CA  . GLN A 1 6  ? 7.269   -3.326  -2.453  1.00 21.93 ? 22  GLN A CA  1 
ATOM   49  C C   . GLN A 1 6  ? 7.060   -2.300  -1.337  1.00 18.34 ? 22  GLN A C   1 
ATOM   50  O O   . GLN A 1 6  ? 6.983   -2.692  -0.158  1.00 19.12 ? 22  GLN A O   1 
ATOM   51  C CB  . GLN A 1 6  ? 8.722   -3.304  -2.922  1.00 23.92 ? 22  GLN A CB  1 
ATOM   52  C CG  . GLN A 1 6  ? 9.636   -3.847  -1.843  1.00 30.61 ? 22  GLN A CG  1 
ATOM   53  C CD  . GLN A 1 6  ? 9.310   -5.259  -1.403  1.00 35.41 ? 22  GLN A CD  1 
ATOM   54  O OE1 . GLN A 1 6  ? 9.174   -6.166  -2.215  1.00 38.84 ? 22  GLN A OE1 1 
ATOM   55  N NE2 . GLN A 1 6  ? 9.165   -5.449  -0.105  1.00 37.58 ? 22  GLN A NE2 1 
ATOM   56  N N   . ARG A 1 7  ? 6.893   -1.030  -1.687  1.00 18.73 ? 23  ARG A N   1 
ATOM   57  C CA  . ARG A 1 7  ? 6.671   -0.007  -0.650  1.00 17.10 ? 23  ARG A CA  1 
ATOM   58  C C   . ARG A 1 7  ? 5.382   -0.332  0.134   1.00 16.38 ? 23  ARG A C   1 
ATOM   59  O O   . ARG A 1 7  ? 5.369   -0.258  1.373   1.00 16.69 ? 23  ARG A O   1 
ATOM   60  C CB  . ARG A 1 7  ? 6.569   1.372   -1.249  1.00 18.40 ? 23  ARG A CB  1 
ATOM   61  C CG  . ARG A 1 7  ? 6.488   2.474   -0.216  1.00 19.24 ? 23  ARG A CG  1 
ATOM   62  C CD  . ARG A 1 7  ? 6.224   3.852   -0.775  1.00 18.19 ? 23  ARG A CD  1 
ATOM   63  N NE  . ARG A 1 7  ? 7.206   4.331   -1.731  1.00 18.86 ? 23  ARG A NE  1 
ATOM   64  C CZ  . ARG A 1 7  ? 8.285   5.039   -1.420  1.00 19.61 ? 23  ARG A CZ  1 
ATOM   65  N NH1 . ARG A 1 7  ? 8.594   5.327   -0.181  1.00 18.86 ? 23  ARG A NH1 1 
ATOM   66  N NH2 . ARG A 1 7  ? 9.067   5.469   -2.387  1.00 20.11 ? 23  ARG A NH2 1 
ATOM   67  N N   . CYS A 1 8  ? 4.309   -0.678  -0.583  1.00 16.97 ? 24  CYS A N   1 
ATOM   68  C CA  . CYS A 1 8  ? 3.008   -0.989  0.087   1.00 16.73 ? 24  CYS A CA  1 
ATOM   69  C C   . CYS A 1 8  ? 3.108   -2.239  0.958   1.00 16.77 ? 24  CYS A C   1 
ATOM   70  O O   . CYS A 1 8  ? 2.575   -2.223  2.081   1.00 18.19 ? 24  CYS A O   1 
ATOM   71  C CB  . CYS A 1 8  ? 1.911   -1.124  -0.947  1.00 17.44 ? 24  CYS A CB  1 
ATOM   72  S SG  . CYS A 1 8  ? 1.367   0.465   -1.600  1.00 19.66 ? 24  CYS A SG  1 
ATOM   73  N N   . LYS A 1 9  ? 3.759   -3.304  0.495   1.00 18.04 ? 25  LYS A N   1 
ATOM   74  C CA  . LYS A 1 9  ? 3.969   -4.471  1.366   1.00 17.44 ? 25  LYS A CA  1 
ATOM   75  C C   . LYS A 1 9  ? 4.702   -4.112  2.639   1.00 17.69 ? 25  LYS A C   1 
ATOM   76  O O   . LYS A 1 9  ? 4.352   -4.571  3.735   1.00 20.83 ? 25  LYS A O   1 
ATOM   77  C CB  . LYS A 1 9  ? 4.752   -5.527  0.605   1.00 19.87 ? 25  LYS A CB  1 
ATOM   78  C CG  . LYS A 1 9  ? 3.933   -6.196  -0.461  1.00 19.51 ? 25  LYS A CG  1 
ATOM   79  C CD  . LYS A 1 9  ? 4.790   -6.838  -1.542  1.00 20.71 ? 25  LYS A CD  1 
ATOM   80  C CE  . LYS A 1 9  ? 5.802   -7.839  -1.059  1.00 21.32 ? 25  LYS A CE  1 
ATOM   81  N NZ  . LYS A 1 9  ? 5.209   -9.055  -0.477  1.00 20.30 ? 25  LYS A NZ  1 
ATOM   82  N N   . ASP A 1 10 ? 5.746   -3.310  2.528   1.00 18.40 ? 26  ASP A N   1 
ATOM   83  C CA  . ASP A 1 10 ? 6.538   -3.013  3.720   1.00 19.40 ? 26  ASP A CA  1 
ATOM   84  C C   . ASP A 1 10 ? 5.812   -2.026  4.632   1.00 18.72 ? 26  ASP A C   1 
ATOM   85  O O   . ASP A 1 10 ? 6.059   -2.007  5.853   1.00 20.00 ? 26  ASP A O   1 
ATOM   86  C CB  . ASP A 1 10 ? 7.870   -2.446  3.243   1.00 20.96 ? 26  ASP A CB  1 
ATOM   87  C CG  . ASP A 1 10 ? 8.834   -3.484  2.659   1.00 28.70 ? 26  ASP A CG  1 
ATOM   88  O OD1 . ASP A 1 10 ? 8.702   -4.679  3.005   1.00 29.83 ? 26  ASP A OD1 1 
ATOM   89  O OD2 . ASP A 1 10 ? 9.706   -3.093  1.824   1.00 28.61 ? 26  ASP A OD2 1 
ATOM   90  N N   . PHE A 1 11 ? 4.933   -1.213  4.068   1.00 17.10 ? 27  PHE A N   1 
ATOM   91  C CA  . PHE A 1 11 ? 4.235   -0.149  4.823   1.00 16.74 ? 27  PHE A CA  1 
ATOM   92  C C   . PHE A 1 11 ? 3.173   -0.724  5.751   1.00 16.94 ? 27  PHE A C   1 
ATOM   93  O O   . PHE A 1 11 ? 2.983   -0.230  6.843   1.00 18.63 ? 27  PHE A O   1 
ATOM   94  C CB  . PHE A 1 11 ? 3.604   0.804   3.845   1.00 16.53 ? 27  PHE A CB  1 
ATOM   95  C CG  . PHE A 1 11 ? 2.659   1.803   4.463   1.00 16.80 ? 27  PHE A CG  1 
ATOM   96  C CD1 . PHE A 1 11 ? 3.079   2.731   5.388   1.00 15.71 ? 27  PHE A CD1 1 
ATOM   97  C CD2 . PHE A 1 11 ? 1.353   1.861   4.015   1.00 19.10 ? 27  PHE A CD2 1 
ATOM   98  C CE1 . PHE A 1 11 ? 2.225   3.688   5.896   1.00 17.85 ? 27  PHE A CE1 1 
ATOM   99  C CE2 . PHE A 1 11 ? 0.491   2.808   4.561   1.00 20.51 ? 27  PHE A CE2 1 
ATOM   100 C CZ  . PHE A 1 11 ? 0.920   3.718   5.487   1.00 19.99 ? 27  PHE A CZ  1 
ATOM   101 N N   . LEU A 1 12 ? 2.456   -1.750  5.301   1.00 16.61 ? 28  LEU A N   1 
ATOM   102 C CA  . LEU A 1 12 ? 1.332   -2.297  6.061   1.00 15.99 ? 28  LEU A CA  1 
ATOM   103 C C   . LEU A 1 12 ? 1.842   -2.958  7.333   1.00 17.67 ? 28  LEU A C   1 
ATOM   104 O O   . LEU A 1 12 ? 2.954   -3.508  7.323   1.00 20.58 ? 28  LEU A O   1 
ATOM   105 C CB  . LEU A 1 12 ? 0.523   -3.223  5.143   1.00 16.49 ? 28  LEU A CB  1 
ATOM   106 C CG  . LEU A 1 12 ? -0.167  -2.541  3.976   1.00 17.18 ? 28  LEU A CG  1 
ATOM   107 C CD1 . LEU A 1 12 ? -0.790  -3.573  3.042   1.00 18.36 ? 28  LEU A CD1 1 
ATOM   108 C CD2 . LEU A 1 12 ? -1.220  -1.566  4.430   1.00 18.61 ? 28  LEU A CD2 1 
ATOM   109 N N   . ARG A 1 13 ? 1.034   -2.948  8.388   1.00 17.79 ? 29  ARG A N   1 
ATOM   110 C CA  . ARG A 1 13 ? 1.490   -3.586  9.646   1.00 20.22 ? 29  ARG A CA  1 
ATOM   111 C C   . ARG A 1 13 ? 0.345   -4.211  10.424  1.00 21.13 ? 29  ARG A C   1 
ATOM   112 O O   . ARG A 1 13 ? -0.755  -4.422  9.844   1.00 21.54 ? 29  ARG A O   1 
ATOM   113 C CB  . ARG A 1 13 ? 2.269   -2.558  10.473  1.00 26.74 ? 29  ARG A CB  1 
ATOM   114 C CG  . ARG A 1 13 ? 1.452   -1.370  10.940  1.00 27.28 ? 29  ARG A CG  1 
ATOM   115 C CD  . ARG A 1 13 ? 2.209   -0.605  12.037  1.00 30.10 ? 29  ARG A CD  1 
ATOM   116 N NE  . ARG A 1 13 ? 3.641   -0.387  11.796  1.00 33.18 ? 29  ARG A NE  1 
ATOM   117 C CZ  . ARG A 1 13 ? 4.651   -0.903  12.488  1.00 34.94 ? 29  ARG A CZ  1 
ATOM   118 N NH1 . ARG A 1 13 ? 5.885   -0.592  12.157  1.00 34.49 ? 29  ARG A NH1 1 
ATOM   119 N NH2 . ARG A 1 13 ? 4.461   -1.749  13.492  1.00 37.95 ? 29  ARG A NH2 1 
ATOM   120 O OXT . ARG A 1 13 ? 0.604   -4.544  11.596  1.00 21.47 ? 29  ARG A OXT 1 
ATOM   121 N N   . PHE B 1 1  ? -3.269  8.704   7.558   1.00 36.03 ? 17  PHE B N   1 
ATOM   122 C CA  . PHE B 1 1  ? -2.591  7.623   6.833   1.00 29.56 ? 17  PHE B CA  1 
ATOM   123 C C   . PHE B 1 1  ? -3.601  6.569   6.374   1.00 26.20 ? 17  PHE B C   1 
ATOM   124 O O   . PHE B 1 1  ? -3.238  5.692   5.588   1.00 25.12 ? 17  PHE B O   1 
ATOM   125 C CB  . PHE B 1 1  ? -1.547  6.949   7.715   1.00 30.31 ? 17  PHE B CB  1 
ATOM   126 C CG  . PHE B 1 1  ? -0.252  7.719   7.787   1.00 33.59 ? 17  PHE B CG  1 
ATOM   127 C CD1 . PHE B 1 1  ? 0.692   7.612   6.780   1.00 36.48 ? 17  PHE B CD1 1 
ATOM   128 C CD2 . PHE B 1 1  ? 0.022   8.538   8.876   1.00 41.83 ? 17  PHE B CD2 1 
ATOM   129 C CE1 . PHE B 1 1  ? 1.901   8.297   6.859   1.00 38.67 ? 17  PHE B CE1 1 
ATOM   130 C CE2 . PHE B 1 1  ? 1.215   9.242   8.936   1.00 40.02 ? 17  PHE B CE2 1 
ATOM   131 C CZ  . PHE B 1 1  ? 2.146   9.113   7.929   1.00 39.15 ? 17  PHE B CZ  1 
ATOM   132 N N   A LYS B 1 2  ? -4.851  6.625   6.832   0.50 24.68 ? 18  LYS B N   1 
ATOM   133 N N   B LYS B 1 2  ? -4.835  6.630   6.893   0.50 25.95 ? 18  LYS B N   1 
ATOM   134 C CA  A LYS B 1 2  ? -5.825  5.551   6.520   0.50 25.53 ? 18  LYS B CA  1 
ATOM   135 C CA  B LYS B 1 2  ? -5.949  5.697   6.576   0.50 27.98 ? 18  LYS B CA  1 
ATOM   136 C C   A LYS B 1 2  ? -6.117  5.511   5.009   0.50 22.85 ? 18  LYS B C   1 
ATOM   137 C C   B LYS B 1 2  ? -6.113  5.541   5.054   0.50 24.08 ? 18  LYS B C   1 
ATOM   138 O O   A LYS B 1 2  ? -6.308  4.401   4.522   0.50 22.41 ? 18  LYS B O   1 
ATOM   139 O O   B LYS B 1 2  ? -6.254  4.397   4.628   0.50 23.27 ? 18  LYS B O   1 
ATOM   140 C CB  A LYS B 1 2  ? -7.053  5.641   7.431   0.50 28.54 ? 18  LYS B CB  1 
ATOM   141 C CB  B LYS B 1 2  ? -7.240  6.162   7.270   0.50 33.67 ? 18  LYS B CB  1 
ATOM   142 C CG  A LYS B 1 2  ? -6.800  5.021   8.797   0.50 30.87 ? 18  LYS B CG  1 
ATOM   143 C CG  B LYS B 1 2  ? -7.391  5.715   8.726   0.50 39.14 ? 18  LYS B CG  1 
ATOM   144 C CD  A LYS B 1 2  ? -5.915  3.774   8.715   0.50 34.50 ? 18  LYS B CD  1 
ATOM   145 C CD  B LYS B 1 2  ? -8.181  4.399   8.936   0.50 45.84 ? 18  LYS B CD  1 
ATOM   146 C CE  A LYS B 1 2  ? -6.628  2.451   8.953   0.50 36.54 ? 18  LYS B CE  1 
ATOM   147 C CE  B LYS B 1 2  ? -8.051  3.799   10.332  0.50 47.74 ? 18  LYS B CE  1 
ATOM   148 N NZ  A LYS B 1 2  ? -5.665  1.317   9.008   0.50 33.98 ? 18  LYS B NZ  1 
ATOM   149 N NZ  B LYS B 1 2  ? -8.719  2.472   10.461  0.50 47.35 ? 18  LYS B NZ  1 
ATOM   150 N N   . ARG B 1 3  ? -6.086  6.631   4.279   1.00 23.58 ? 19  ARG B N   1 
ATOM   151 C CA  A ARG B 1 3  ? -6.275  6.621   2.807   0.50 25.62 ? 19  ARG B CA  1 
ATOM   152 C CA  B ARG B 1 3  ? -6.266  6.642   2.802   0.50 25.62 ? 19  ARG B CA  1 
ATOM   153 C C   . ARG B 1 3  ? -5.095  5.907   2.142   1.00 24.19 ? 19  ARG B C   1 
ATOM   154 O O   . ARG B 1 3  ? -5.304  5.182   1.171   1.00 22.90 ? 19  ARG B O   1 
ATOM   155 C CB  A ARG B 1 3  ? -6.441  8.044   2.280   0.50 31.84 ? 19  ARG B CB  1 
ATOM   156 C CB  B ARG B 1 3  ? -6.331  8.081   2.281   0.50 31.66 ? 19  ARG B CB  1 
ATOM   157 C CG  A ARG B 1 3  ? -7.837  8.601   2.502   0.50 38.37 ? 19  ARG B CG  1 
ATOM   158 C CG  B ARG B 1 3  ? -7.348  8.339   1.180   0.50 38.23 ? 19  ARG B CG  1 
ATOM   159 C CD  A ARG B 1 3  ? -8.757  8.126   1.391   0.50 47.82 ? 19  ARG B CD  1 
ATOM   160 C CD  B ARG B 1 3  ? -7.687  7.136   0.323   0.50 42.07 ? 19  ARG B CD  1 
ATOM   161 N NE  A ARG B 1 3  ? -9.134  6.719   1.527   0.50 54.92 ? 19  ARG B NE  1 
ATOM   162 N NE  B ARG B 1 3  ? -9.053  7.195   -0.212  0.50 45.46 ? 19  ARG B NE  1 
ATOM   163 C CZ  A ARG B 1 3  ? -9.748  5.998   0.582   0.50 57.73 ? 19  ARG B CZ  1 
ATOM   164 C CZ  B ARG B 1 3  ? -9.914  6.177   -0.199  0.50 49.26 ? 19  ARG B CZ  1 
ATOM   165 N NH1 A ARG B 1 3  ? -10.028 4.725   0.804   0.50 53.91 ? 19  ARG B NH1 1 
ATOM   166 N NH1 B ARG B 1 3  ? -11.137 6.347   -0.656  0.50 46.76 ? 19  ARG B NH1 1 
ATOM   167 N NH2 A ARG B 1 3  ? -10.067 6.548   -0.582  0.50 52.93 ? 19  ARG B NH2 1 
ATOM   168 N NH2 B ARG B 1 3  ? -9.572  4.995   0.295   0.50 46.65 ? 19  ARG B NH2 1 
ATOM   169 N N   . ILE B 1 4  ? -3.887  6.102   2.654   1.00 22.02 ? 20  ILE B N   1 
ATOM   170 C CA  . ILE B 1 4  ? -2.678  5.487   2.054   1.00 22.16 ? 20  ILE B CA  1 
ATOM   171 C C   . ILE B 1 4  ? -2.759  4.000   2.327   1.00 18.03 ? 20  ILE B C   1 
ATOM   172 O O   . ILE B 1 4  ? -2.495  3.181   1.436   1.00 17.68 ? 20  ILE B O   1 
ATOM   173 C CB  . ILE B 1 4  ? -1.377  6.121   2.586   1.00 28.16 ? 20  ILE B CB  1 
ATOM   174 C CG1 . ILE B 1 4  ? -1.341  7.617   2.243   1.00 37.69 ? 20  ILE B CG1 1 
ATOM   175 C CG2 . ILE B 1 4  ? -0.164  5.356   2.085   1.00 26.82 ? 20  ILE B CG2 1 
ATOM   176 C CD1 . ILE B 1 4  ? -0.464  8.445   3.173   1.00 42.55 ? 20  ILE B CD1 1 
ATOM   177 N N   . VAL B 1 5  ? -3.128  3.623   3.534   1.00 17.43 ? 21  VAL B N   1 
ATOM   178 C CA  . VAL B 1 5  ? -3.325  2.195   3.888   1.00 17.11 ? 21  VAL B CA  1 
ATOM   179 C C   . VAL B 1 5  ? -4.297  1.581   2.897   1.00 15.93 ? 21  VAL B C   1 
ATOM   180 O O   . VAL B 1 5  ? -4.039  0.503   2.343   1.00 16.23 ? 21  VAL B O   1 
ATOM   181 C CB  . VAL B 1 5  ? -3.798  2.000   5.333   1.00 18.29 ? 21  VAL B CB  1 
ATOM   182 C CG1 . VAL B 1 5  ? -4.231  0.555   5.603   1.00 19.87 ? 21  VAL B CG1 1 
ATOM   183 C CG2 . VAL B 1 5  ? -2.719  2.442   6.340   1.00 19.68 ? 21  VAL B CG2 1 
ATOM   184 N N   . GLN B 1 6  ? -5.442  2.227   2.717   1.00 17.86 ? 22  GLN B N   1 
ATOM   185 C CA  . GLN B 1 6  ? -6.471  1.607   1.857   1.00 17.21 ? 22  GLN B CA  1 
ATOM   186 C C   . GLN B 1 6  ? -6.020  1.532   0.407   1.00 16.89 ? 22  GLN B C   1 
ATOM   187 O O   . GLN B 1 6  ? -6.255  0.489   -0.225  1.00 17.70 ? 22  GLN B O   1 
ATOM   188 C CB  . GLN B 1 6  ? -7.793  2.353   1.937   1.00 22.00 ? 22  GLN B CB  1 
ATOM   189 C CG  . GLN B 1 6  ? -8.927  1.601   1.210   1.00 24.87 ? 22  GLN B CG  1 
ATOM   190 C CD  . GLN B 1 6  ? -9.129  0.197   1.740   1.00 27.62 ? 22  GLN B CD  1 
ATOM   191 O OE1 . GLN B 1 6  ? -9.396  -0.020  2.942   1.00 30.98 ? 22  GLN B OE1 1 
ATOM   192 N NE2 . GLN B 1 6  ? -8.951  -0.809  0.884   1.00 25.29 ? 22  GLN B NE2 1 
ATOM   193 N N   . ARG B 1 7  ? -5.385  2.560   -0.134  1.00 17.23 ? 23  ARG B N   1 
ATOM   194 C CA  . ARG B 1 7  ? -4.991  2.461   -1.565  1.00 16.55 ? 23  ARG B CA  1 
ATOM   195 C C   . ARG B 1 7  ? -3.822  1.485   -1.738  1.00 17.17 ? 23  ARG B C   1 
ATOM   196 O O   . ARG B 1 7  ? -3.766  0.876   -2.786  1.00 16.86 ? 23  ARG B O   1 
ATOM   197 C CB  . ARG B 1 7  ? -4.652  3.819   -2.174  1.00 19.10 ? 23  ARG B CB  1 
ATOM   198 C CG  . ARG B 1 7  ? -5.790  4.825   -2.100  1.00 19.56 ? 23  ARG B CG  1 
ATOM   199 C CD  . ARG B 1 7  ? -7.124  4.287   -2.510  1.00 20.29 ? 23  ARG B CD  1 
ATOM   200 N NE  . ARG B 1 7  ? -7.331  3.752   -3.844  1.00 19.90 ? 23  ARG B NE  1 
ATOM   201 C CZ  . ARG B 1 7  ? -7.659  4.448   -4.942  1.00 20.38 ? 23  ARG B CZ  1 
ATOM   202 N NH1 . ARG B 1 7  ? -7.701  5.762   -4.933  1.00 20.16 ? 23  ARG B NH1 1 
ATOM   203 N NH2 . ARG B 1 7  ? -7.966  3.834   -6.048  1.00 20.47 ? 23  ARG B NH2 1 
ATOM   204 N N   . CYS B 1 8  ? -2.957  1.339   -0.739  1.00 15.94 ? 24  CYS B N   1 
ATOM   205 C CA  . CYS B 1 8  ? -1.916  0.277   -0.811  1.00 17.36 ? 24  CYS B CA  1 
ATOM   206 C C   . CYS B 1 8  ? -2.577  -1.096  -0.875  1.00 16.32 ? 24  CYS B C   1 
ATOM   207 O O   . CYS B 1 8  ? -2.213  -1.954  -1.716  1.00 17.86 ? 24  CYS B O   1 
ATOM   208 C CB  . CYS B 1 8  ? -0.983  0.338   0.387   1.00 17.17 ? 24  CYS B CB  1 
ATOM   209 S SG  . CYS B 1 8  ? 0.479   1.374   0.065   1.00 19.55 ? 24  CYS B SG  1 
ATOM   210 N N   . LYS B 1 9  ? -3.589  -1.322  -0.043  1.00 16.40 ? 25  LYS B N   1 
ATOM   211 C CA  . LYS B 1 9  ? -4.325  -2.601  -0.071  1.00 17.03 ? 25  LYS B CA  1 
ATOM   212 C C   . LYS B 1 9  ? -4.995  -2.784  -1.429  1.00 17.59 ? 25  LYS B C   1 
ATOM   213 O O   . LYS B 1 9  ? -4.931  -3.874  -1.985  1.00 18.82 ? 25  LYS B O   1 
ATOM   214 C CB  . LYS B 1 9  ? -5.401  -2.711  1.010   1.00 17.61 ? 25  LYS B CB  1 
ATOM   215 C CG  . LYS B 1 9  ? -4.815  -2.746  2.416   1.00 18.47 ? 25  LYS B CG  1 
ATOM   216 C CD  . LYS B 1 9  ? -5.892  -2.751  3.395   1.00 18.92 ? 25  LYS B CD  1 
ATOM   217 C CE  . LYS B 1 9  ? -5.371  -2.885  4.803   1.00 19.57 ? 25  LYS B CE  1 
ATOM   218 N NZ  . LYS B 1 9  ? -6.522  -3.014  5.721   1.00 21.67 ? 25  LYS B NZ  1 
ATOM   219 N N   . ASP B 1 10 ? -5.577  -1.721  -1.964  1.00 16.25 ? 26  ASP B N   1 
ATOM   220 C CA  . ASP B 1 10 ? -6.261  -1.806  -3.264  1.00 16.36 ? 26  ASP B CA  1 
ATOM   221 C C   . ASP B 1 10 ? -5.277  -2.199  -4.364  1.00 15.06 ? 26  ASP B C   1 
ATOM   222 O O   . ASP B 1 10 ? -5.705  -2.863  -5.310  1.00 17.92 ? 26  ASP B O   1 
ATOM   223 C CB  . ASP B 1 10 ? -6.891  -0.471  -3.628  1.00 16.71 ? 26  ASP B CB  1 
ATOM   224 C CG  . ASP B 1 10 ? -8.078  -0.027  -2.765  1.00 20.99 ? 26  ASP B CG  1 
ATOM   225 O OD1 . ASP B 1 10 ? -8.691  -0.877  -2.094  1.00 21.00 ? 26  ASP B OD1 1 
ATOM   226 O OD2 . ASP B 1 10 ? -8.333  1.194   -2.794  1.00 20.45 ? 26  ASP B OD2 1 
ATOM   227 N N   . PHE B 1 11 ? -4.030  -1.765  -4.269  1.00 15.62 ? 27  PHE B N   1 
ATOM   228 C CA  . PHE B 1 11 ? -3.053  -1.955  -5.371  1.00 15.27 ? 27  PHE B CA  1 
ATOM   229 C C   . PHE B 1 11 ? -2.507  -3.372  -5.309  1.00 17.63 ? 27  PHE B C   1 
ATOM   230 O O   . PHE B 1 11 ? -2.099  -3.888  -6.340  1.00 19.07 ? 27  PHE B O   1 
ATOM   231 C CB  . PHE B 1 11 ? -1.935  -0.920  -5.334  1.00 17.16 ? 27  PHE B CB  1 
ATOM   232 C CG  . PHE B 1 11 ? -1.134  -0.810  -6.612  1.00 17.93 ? 27  PHE B CG  1 
ATOM   233 C CD1 . PHE B 1 11 ? -1.737  -0.352  -7.756  1.00 21.85 ? 27  PHE B CD1 1 
ATOM   234 C CD2 . PHE B 1 11 ? 0.167   -1.282  -6.698  1.00 23.09 ? 27  PHE B CD2 1 
ATOM   235 C CE1 . PHE B 1 11 ? -1.034  -0.244  -8.956  1.00 21.00 ? 27  PHE B CE1 1 
ATOM   236 C CE2 . PHE B 1 11 ? 0.884   -1.126  -7.879  1.00 23.86 ? 27  PHE B CE2 1 
ATOM   237 C CZ  . PHE B 1 11 ? 0.268   -0.644  -9.000  1.00 22.49 ? 27  PHE B CZ  1 
ATOM   238 N N   . LEU B 1 12 ? -2.445  -3.972  -4.121  1.00 16.57 ? 28  LEU B N   1 
ATOM   239 C CA  . LEU B 1 12 ? -1.835  -5.293  -3.933  1.00 16.24 ? 28  LEU B CA  1 
ATOM   240 C C   . LEU B 1 12 ? -2.750  -6.389  -4.404  1.00 17.75 ? 28  LEU B C   1 
ATOM   241 O O   . LEU B 1 12 ? -3.971  -6.176  -4.532  1.00 18.45 ? 28  LEU B O   1 
ATOM   242 C CB  . LEU B 1 12 ? -1.370  -5.481  -2.492  1.00 15.77 ? 28  LEU B CB  1 
ATOM   243 C CG  . LEU B 1 12 ? -0.267  -4.546  -2.013  1.00 16.48 ? 28  LEU B CG  1 
ATOM   244 C CD1 . LEU B 1 12 ? -0.027  -4.715  -0.526  1.00 18.89 ? 28  LEU B CD1 1 
ATOM   245 C CD2 . LEU B 1 12 ? 1.010   -4.766  -2.789  1.00 17.26 ? 28  LEU B CD2 1 
ATOM   246 N N   . ARG B 1 13 ? -2.190  -7.578  -4.643  1.00 19.63 ? 29  ARG B N   1 
ATOM   247 C CA  . ARG B 1 13 ? -2.997  -8.713  -5.143  1.00 20.00 ? 29  ARG B CA  1 
ATOM   248 C C   . ARG B 1 13 ? -2.432  -10.042 -4.631  1.00 18.41 ? 29  ARG B C   1 
ATOM   249 O O   . ARG B 1 13 ? -1.461  -10.108 -3.871  1.00 18.91 ? 29  ARG B O   1 
ATOM   250 C CB  . ARG B 1 13 ? -3.126  -8.639  -6.678  1.00 24.89 ? 29  ARG B CB  1 
ATOM   251 C CG  . ARG B 1 13 ? -1.837  -8.793  -7.442  1.00 26.64 ? 29  ARG B CG  1 
ATOM   252 C CD  . ARG B 1 13 ? -2.064  -8.818  -8.948  1.00 35.79 ? 29  ARG B CD  1 
ATOM   253 N NE  . ARG B 1 13 ? -0.803  -9.135  -9.629  1.00 40.46 ? 29  ARG B NE  1 
ATOM   254 C CZ  . ARG B 1 13 ? -0.273  -10.353 -9.794  1.00 43.45 ? 29  ARG B CZ  1 
ATOM   255 N NH1 . ARG B 1 13 ? -0.920  -11.428 -9.363  1.00 42.93 ? 29  ARG B NH1 1 
ATOM   256 N NH2 . ARG B 1 13 ? 0.916   -10.458 -10.375 1.00 45.59 ? 29  ARG B NH2 1 
ATOM   257 O OXT . ARG B 1 13 ? -3.068  -11.020 -5.076  1.00 20.41 ? 29  ARG B OXT 1 
HETATM 258 O O   . HOH C 2 .  ? 10.003  -0.656  0.899   1.00 31.08 ? 101 HOH A O   1 
HETATM 259 O O   . HOH C 2 .  ? 9.794   -8.762  -1.804  1.00 53.47 ? 102 HOH A O   1 
HETATM 260 O O   . HOH C 2 .  ? 7.488   -10.560 -0.641  1.00 36.54 ? 103 HOH A O   1 
HETATM 261 O O   . HOH C 2 .  ? 7.409   3.322   -4.424  1.00 32.08 ? 104 HOH A O   1 
HETATM 262 O O   . HOH C 2 .  ? 7.967   -9.761  -3.587  1.00 51.46 ? 105 HOH A O   1 
HETATM 263 O O   . HOH C 2 .  ? 4.980   -5.337  11.278  1.00 42.50 ? 106 HOH A O   1 
HETATM 264 O O   . HOH D 2 .  ? -7.618  -4.807  -4.898  1.00 29.10 ? 101 HOH B O   1 
HETATM 265 O O   . HOH D 2 .  ? 1.993   -8.321  -11.788 1.00 54.99 ? 102 HOH B O   1 
HETATM 266 O O   . HOH D 2 .  ? -7.868  -0.472  5.243   1.00 35.46 ? 103 HOH B O   1 
HETATM 267 O O   . HOH D 2 .  ? -7.497  2.152   6.030   1.00 33.82 ? 104 HOH B O   1 
HETATM 268 O O   . HOH D 2 .  ? -7.326  7.938   -3.004  1.00 36.98 ? 105 HOH B O   1 
HETATM 269 O O   . HOH D 2 .  ? -5.172  -4.927  -7.328  1.00 31.10 ? 106 HOH B O   1 
HETATM 270 O O   . HOH D 2 .  ? -8.309  -3.724  -1.342  1.00 32.56 ? 107 HOH B O   1 
HETATM 271 O O   . HOH D 2 .  ? -7.488  -1.351  8.298   1.00 42.92 ? 108 HOH B O   1 
HETATM 272 O O   . HOH D 2 .  ? -9.229  -4.131  1.129   0.50 32.65 ? 109 HOH B O   1 
HETATM 273 O O   . HOH D 2 .  ? -6.258  0.248   12.638  1.00 52.52 ? 110 HOH B O   1 
# 
